data_6Z9V
#
_entry.id   6Z9V
#
_cell.length_a   85.190
_cell.length_b   85.190
_cell.length_c   232.550
_cell.angle_alpha   90.000
_cell.angle_beta   90.000
_cell.angle_gamma   120.000
#
_symmetry.space_group_name_H-M   'P 32 1 2'
#
loop_
_entity.id
_entity.type
_entity.pdbx_description
1 polymer 'MHC class I antigen'
2 polymer Beta-2-microglobulin
3 polymer ILE-ILE-GLY-TRP-MET-TRP-ILE-PRO-VAL
4 non-polymer 1,2-ETHANEDIOL
5 non-polymer GLYCEROL
6 non-polymer 'SULFATE ION'
7 non-polymer 'SODIUM ION'
8 non-polymer 1-ETHOXY-2-(2-ETHOXYETHOXY)ETHANE
9 non-polymer 3,6,9,12,15,18,21-HEPTAOXATRICOSANE-1,23-DIOL
10 non-polymer 'CALCIUM ION'
11 water water
#
loop_
_entity_poly.entity_id
_entity_poly.type
_entity_poly.pdbx_seq_one_letter_code
_entity_poly.pdbx_strand_id
1 'polypeptide(L)'
;GSHSMRYFFTSVSRPGRGEPRFIAVGYVDDTQFVRFDSDAASQRMEPRAPWIEQEGPEYWDGETRKVKAHSQTHRVDLGT
LRGYYNQSEAGSHTVQRMYGCDVGSDWRFLRGYHQYAYDGKDYIALKEDLRSWTAADMAAQTTKHKWEAAHVAEQLRAYL
EGTCVEWLRRYLENGKETLQRTDAPKTHMTHHAVSDHEATLRCWALSFYPAEITLTWQRDGEDQTQDTELVETRPAGDGT
FQKWAAVVVPSGQEQRYTCHVQHEGLPKPLTLRWEP
;
A,D
2 'polypeptide(L)'
;MIQRTPKIQVYSRHPAENGKSNFLNCYVSGFHPSDIEVDLLKNGERIEKVEHSDLSFSKDWSFYLLYYTEFTPTEKDEYA
CRVNHVTLSQPKIVKWDRDM
;
B,E
3 'polypeptide(L)' IIGWMWIPV C,F
#
loop_
_chem_comp.id
_chem_comp.type
_chem_comp.name
_chem_comp.formula
CA non-polymer 'CALCIUM ION' 'Ca 2'
EDO non-polymer 1,2-ETHANEDIOL 'C2 H6 O2'
GOL non-polymer GLYCEROL 'C3 H8 O3'
NA non-polymer 'SODIUM ION' 'Na 1'
P4G non-polymer 1-ETHOXY-2-(2-ETHOXYETHOXY)ETHANE 'C8 H18 O3'
PE8 non-polymer 3,6,9,12,15,18,21-HEPTAOXATRICOSANE-1,23-DIOL 'C16 H34 O9'
SO4 non-polymer 'SULFATE ION' 'O4 S -2'
#
# COMPACT_ATOMS: atom_id res chain seq x y z
N GLY A 1 -20.50 9.40 -20.20
CA GLY A 1 -20.07 9.20 -21.61
C GLY A 1 -20.01 7.73 -22.02
N SER A 2 -19.02 6.99 -21.55
CA SER A 2 -18.70 5.66 -22.11
C SER A 2 -19.50 4.56 -21.36
N HIS A 3 -19.64 3.36 -21.91
CA HIS A 3 -20.51 2.30 -21.31
C HIS A 3 -19.93 0.93 -21.62
N SER A 4 -20.36 -0.07 -20.86
CA SER A 4 -19.88 -1.47 -21.03
C SER A 4 -21.04 -2.43 -20.83
N MET A 5 -20.99 -3.56 -21.50
CA MET A 5 -21.83 -4.72 -21.13
C MET A 5 -20.88 -5.85 -20.81
N ARG A 6 -21.10 -6.53 -19.69
CA ARG A 6 -20.22 -7.61 -19.25
C ARG A 6 -21.05 -8.78 -18.70
N TYR A 7 -20.65 -9.99 -19.06
CA TYR A 7 -21.24 -11.19 -18.51
C TYR A 7 -20.14 -11.90 -17.75
N PHE A 8 -20.52 -12.45 -16.61
CA PHE A 8 -19.62 -13.14 -15.66
C PHE A 8 -20.20 -14.52 -15.40
N PHE A 9 -19.47 -15.55 -15.82
CA PHE A 9 -19.85 -16.96 -15.65
C PHE A 9 -18.92 -17.62 -14.62
N THR A 10 -19.51 -18.27 -13.62
CA THR A 10 -18.81 -19.06 -12.61
C THR A 10 -19.38 -20.47 -12.59
N SER A 11 -18.52 -21.46 -12.84
N SER A 11 -18.50 -21.45 -12.79
CA SER A 11 -18.86 -22.90 -12.87
CA SER A 11 -18.85 -22.89 -12.87
C SER A 11 -17.99 -23.64 -11.85
C SER A 11 -17.99 -23.65 -11.87
N VAL A 12 -18.64 -24.32 -10.90
CA VAL A 12 -17.94 -24.97 -9.76
C VAL A 12 -18.30 -26.46 -9.74
N SER A 13 -17.31 -27.34 -9.74
CA SER A 13 -17.55 -28.79 -9.70
C SER A 13 -17.85 -29.14 -8.25
N ARG A 14 -18.54 -30.25 -8.05
CA ARG A 14 -18.76 -30.85 -6.71
C ARG A 14 -17.85 -32.05 -6.48
N PRO A 15 -17.54 -32.36 -5.21
CA PRO A 15 -16.78 -33.55 -4.88
C PRO A 15 -17.45 -34.75 -5.56
N GLY A 16 -16.64 -35.55 -6.24
CA GLY A 16 -17.13 -36.79 -6.87
C GLY A 16 -17.89 -36.47 -8.13
N ARG A 17 -19.08 -37.03 -8.32
CA ARG A 17 -19.81 -37.07 -9.62
C ARG A 17 -21.00 -36.12 -9.57
N GLY A 18 -21.27 -35.51 -8.41
CA GLY A 18 -22.30 -34.46 -8.29
C GLY A 18 -22.31 -33.51 -9.48
N GLU A 19 -23.48 -32.94 -9.81
CA GLU A 19 -23.56 -31.96 -10.95
C GLU A 19 -22.87 -30.66 -10.51
N PRO A 20 -22.14 -30.00 -11.41
CA PRO A 20 -21.52 -28.74 -11.07
C PRO A 20 -22.62 -27.69 -10.81
N ARG A 21 -22.25 -26.58 -10.22
CA ARG A 21 -23.13 -25.41 -10.15
C ARG A 21 -22.70 -24.39 -11.18
N PHE A 22 -23.64 -23.86 -11.95
CA PHE A 22 -23.35 -22.88 -13.02
C PHE A 22 -24.11 -21.60 -12.69
N ILE A 23 -23.38 -20.50 -12.58
CA ILE A 23 -23.94 -19.15 -12.33
C ILE A 23 -23.52 -18.23 -13.46
N ALA A 24 -24.45 -17.39 -13.94
CA ALA A 24 -24.17 -16.34 -14.94
C ALA A 24 -24.84 -15.05 -14.47
N VAL A 25 -24.18 -13.90 -14.57
CA VAL A 25 -24.77 -12.57 -14.25
C VAL A 25 -24.36 -11.66 -15.40
N GLY A 26 -25.26 -10.77 -15.79
CA GLY A 26 -24.97 -9.72 -16.79
C GLY A 26 -25.11 -8.35 -16.15
N TYR A 27 -24.27 -7.43 -16.58
CA TYR A 27 -24.23 -6.03 -16.15
C TYR A 27 -24.21 -5.15 -17.38
N VAL A 28 -24.90 -4.03 -17.28
CA VAL A 28 -24.59 -2.81 -18.08
C VAL A 28 -24.02 -1.80 -17.08
N ASP A 29 -22.80 -1.35 -17.33
CA ASP A 29 -22.09 -0.44 -16.40
C ASP A 29 -22.12 -1.14 -15.03
N ASP A 30 -22.57 -0.46 -13.96
CA ASP A 30 -22.58 -1.05 -12.60
C ASP A 30 -23.97 -1.60 -12.28
N THR A 31 -24.83 -1.81 -13.27
CA THR A 31 -26.24 -2.20 -13.08
C THR A 31 -26.44 -3.63 -13.57
N GLN A 32 -26.73 -4.54 -12.62
CA GLN A 32 -27.02 -5.97 -12.93
C GLN A 32 -28.39 -6.01 -13.58
N PHE A 33 -28.58 -6.87 -14.59
CA PHE A 33 -29.88 -7.00 -15.30
C PHE A 33 -30.31 -8.45 -15.51
N VAL A 34 -29.43 -9.46 -15.49
CA VAL A 34 -29.87 -10.88 -15.65
C VAL A 34 -29.06 -11.79 -14.75
N ARG A 35 -29.65 -12.93 -14.47
CA ARG A 35 -28.96 -14.00 -13.72
C ARG A 35 -29.44 -15.34 -14.26
N PHE A 36 -28.57 -16.33 -14.11
CA PHE A 36 -28.88 -17.76 -14.22
C PHE A 36 -28.21 -18.45 -13.03
N ASP A 37 -28.86 -19.43 -12.47
CA ASP A 37 -28.31 -20.23 -11.36
C ASP A 37 -28.85 -21.66 -11.50
N SER A 38 -28.00 -22.61 -11.81
CA SER A 38 -28.41 -24.01 -12.06
C SER A 38 -28.93 -24.63 -10.75
N ASP A 39 -28.65 -24.05 -9.57
CA ASP A 39 -29.23 -24.56 -8.30
C ASP A 39 -30.69 -24.13 -8.13
N ALA A 40 -31.14 -23.10 -8.81
CA ALA A 40 -32.51 -22.58 -8.67
C ALA A 40 -33.50 -23.46 -9.45
N ALA A 41 -34.78 -23.32 -9.16
CA ALA A 41 -35.80 -24.25 -9.68
C ALA A 41 -36.08 -23.96 -11.17
N SER A 42 -36.04 -22.71 -11.60
CA SER A 42 -36.61 -22.33 -12.93
C SER A 42 -35.80 -22.95 -14.08
N GLN A 43 -34.51 -23.10 -13.93
CA GLN A 43 -33.57 -23.44 -15.03
C GLN A 43 -33.77 -22.39 -16.16
N ARG A 44 -33.97 -21.11 -15.83
CA ARG A 44 -34.19 -20.05 -16.84
C ARG A 44 -33.28 -18.85 -16.54
N MET A 45 -32.86 -18.17 -17.60
CA MET A 45 -32.34 -16.80 -17.45
C MET A 45 -33.47 -15.94 -16.88
N GLU A 46 -33.16 -15.17 -15.84
CA GLU A 46 -34.17 -14.39 -15.08
C GLU A 46 -33.82 -12.91 -15.11
N PRO A 47 -34.82 -12.01 -15.13
CA PRO A 47 -34.55 -10.58 -15.07
C PRO A 47 -34.10 -10.16 -13.67
N ARG A 48 -33.22 -9.15 -13.60
CA ARG A 48 -32.74 -8.55 -12.35
C ARG A 48 -32.75 -7.02 -12.43
N ALA A 49 -33.44 -6.41 -13.38
CA ALA A 49 -33.59 -4.94 -13.47
C ALA A 49 -34.96 -4.68 -14.08
N PRO A 50 -35.70 -3.65 -13.61
CA PRO A 50 -37.02 -3.37 -14.15
C PRO A 50 -37.03 -3.19 -15.68
N TRP A 51 -36.03 -2.57 -16.29
CA TRP A 51 -36.09 -2.19 -17.72
C TRP A 51 -35.91 -3.41 -18.64
N ILE A 52 -35.37 -4.52 -18.16
CA ILE A 52 -35.20 -5.75 -19.02
C ILE A 52 -36.51 -6.57 -19.02
N GLU A 53 -37.37 -6.41 -18.00
CA GLU A 53 -38.66 -7.15 -17.88
C GLU A 53 -39.58 -6.92 -19.09
N GLN A 54 -39.43 -5.85 -19.84
CA GLN A 54 -40.23 -5.58 -21.07
C GLN A 54 -39.84 -6.54 -22.21
N GLU A 55 -38.73 -7.25 -22.14
CA GLU A 55 -38.33 -8.11 -23.30
C GLU A 55 -39.33 -9.28 -23.31
N GLY A 56 -39.79 -9.74 -24.48
CA GLY A 56 -40.83 -10.78 -24.56
C GLY A 56 -40.32 -12.20 -24.31
N PRO A 57 -41.23 -13.19 -24.31
CA PRO A 57 -40.86 -14.59 -24.11
C PRO A 57 -39.75 -15.08 -25.07
N GLU A 58 -39.67 -14.55 -26.31
CA GLU A 58 -38.64 -15.02 -27.28
C GLU A 58 -37.24 -14.68 -26.73
N TYR A 59 -37.11 -13.52 -26.12
CA TYR A 59 -35.84 -13.05 -25.54
C TYR A 59 -35.45 -14.03 -24.42
N TRP A 60 -36.36 -14.32 -23.50
CA TRP A 60 -36.06 -15.15 -22.30
C TRP A 60 -35.78 -16.60 -22.77
N ASP A 61 -36.55 -17.12 -23.72
CA ASP A 61 -36.37 -18.46 -24.34
C ASP A 61 -34.97 -18.52 -24.95
N GLY A 62 -34.55 -17.51 -25.73
CA GLY A 62 -33.22 -17.43 -26.36
C GLY A 62 -32.11 -17.40 -25.32
N GLU A 63 -32.21 -16.53 -24.32
CA GLU A 63 -31.14 -16.42 -23.32
C GLU A 63 -31.04 -17.72 -22.52
N THR A 64 -32.16 -18.39 -22.23
CA THR A 64 -32.16 -19.66 -21.46
C THR A 64 -31.44 -20.75 -22.27
N ARG A 65 -31.81 -20.92 -23.53
CA ARG A 65 -31.15 -21.86 -24.47
C ARG A 65 -29.65 -21.61 -24.47
N LYS A 66 -29.25 -20.37 -24.64
CA LYS A 66 -27.81 -20.02 -24.79
C LYS A 66 -27.06 -20.28 -23.50
N VAL A 67 -27.69 -19.99 -22.38
CA VAL A 67 -26.96 -20.09 -21.11
C VAL A 67 -26.82 -21.57 -20.73
N LYS A 68 -27.76 -22.39 -21.13
CA LYS A 68 -27.67 -23.87 -20.94
C LYS A 68 -26.55 -24.41 -21.83
N ALA A 69 -26.39 -23.87 -23.05
CA ALA A 69 -25.31 -24.28 -23.98
C ALA A 69 -23.99 -23.93 -23.33
N HIS A 70 -23.88 -22.74 -22.73
CA HIS A 70 -22.65 -22.33 -22.07
C HIS A 70 -22.33 -23.30 -20.93
N SER A 71 -23.33 -23.69 -20.11
CA SER A 71 -23.16 -24.61 -18.96
C SER A 71 -22.64 -25.97 -19.43
N GLN A 72 -23.18 -26.51 -20.52
CA GLN A 72 -22.72 -27.82 -21.07
C GLN A 72 -21.25 -27.75 -21.51
N THR A 73 -20.80 -26.66 -22.15
CA THR A 73 -19.35 -26.47 -22.45
C THR A 73 -18.51 -26.39 -21.16
N HIS A 74 -18.88 -25.56 -20.20
CA HIS A 74 -18.19 -25.46 -18.88
C HIS A 74 -18.19 -26.81 -18.14
N ARG A 75 -19.24 -27.63 -18.26
CA ARG A 75 -19.29 -28.97 -17.60
C ARG A 75 -18.14 -29.82 -18.15
N VAL A 76 -17.99 -29.81 -19.48
CA VAL A 76 -16.92 -30.61 -20.12
C VAL A 76 -15.56 -29.97 -19.81
N ASP A 77 -15.46 -28.62 -19.82
CA ASP A 77 -14.19 -27.92 -19.49
C ASP A 77 -13.70 -28.31 -18.08
N LEU A 78 -14.58 -28.37 -17.07
CA LEU A 78 -14.15 -28.83 -15.73
C LEU A 78 -13.45 -30.19 -15.83
N GLY A 79 -13.99 -31.18 -16.54
CA GLY A 79 -13.42 -32.51 -16.79
C GLY A 79 -12.09 -32.44 -17.55
N THR A 80 -12.01 -31.67 -18.61
CA THR A 80 -10.75 -31.55 -19.38
C THR A 80 -9.63 -30.97 -18.51
N LEU A 81 -9.91 -29.96 -17.72
CA LEU A 81 -8.89 -29.26 -16.93
C LEU A 81 -8.36 -30.17 -15.81
N ARG A 82 -9.21 -30.95 -15.16
N ARG A 82 -9.22 -30.96 -15.16
CA ARG A 82 -8.76 -32.00 -14.20
CA ARG A 82 -8.78 -32.00 -14.19
C ARG A 82 -7.76 -32.91 -14.89
C ARG A 82 -7.78 -32.91 -14.89
N GLY A 83 -8.06 -33.31 -16.14
CA GLY A 83 -7.14 -34.13 -16.95
C GLY A 83 -5.83 -33.41 -17.22
N TYR A 84 -5.86 -32.18 -17.70
CA TYR A 84 -4.63 -31.46 -18.09
C TYR A 84 -3.75 -31.23 -16.85
N TYR A 85 -4.33 -31.01 -15.66
CA TYR A 85 -3.59 -30.72 -14.42
C TYR A 85 -3.49 -31.98 -13.53
N ASN A 86 -3.89 -33.14 -13.99
CA ASN A 86 -3.78 -34.44 -13.28
C ASN A 86 -4.36 -34.32 -11.87
N GLN A 87 -5.64 -34.03 -11.78
CA GLN A 87 -6.36 -33.86 -10.49
C GLN A 87 -7.47 -34.92 -10.40
N SER A 88 -7.76 -35.47 -9.23
CA SER A 88 -8.93 -36.38 -9.09
C SER A 88 -10.26 -35.62 -9.11
N GLU A 89 -11.36 -36.36 -9.27
CA GLU A 89 -12.76 -35.93 -9.12
C GLU A 89 -13.13 -35.48 -7.70
N ALA A 90 -12.38 -35.89 -6.66
CA ALA A 90 -12.81 -35.72 -5.25
C ALA A 90 -12.82 -34.24 -4.87
N GLY A 91 -12.13 -33.36 -5.58
CA GLY A 91 -11.98 -31.95 -5.20
C GLY A 91 -12.87 -31.06 -6.05
N SER A 92 -13.34 -29.99 -5.45
CA SER A 92 -14.12 -28.92 -6.07
C SER A 92 -13.17 -27.95 -6.77
N HIS A 93 -13.45 -27.59 -7.99
CA HIS A 93 -12.61 -26.73 -8.86
C HIS A 93 -13.54 -25.68 -9.48
N THR A 94 -12.99 -24.55 -9.91
CA THR A 94 -13.76 -23.41 -10.43
C THR A 94 -13.27 -23.01 -11.82
N VAL A 95 -14.18 -22.86 -12.78
CA VAL A 95 -13.88 -22.12 -14.04
C VAL A 95 -14.67 -20.82 -14.05
N GLN A 96 -14.04 -19.78 -14.53
CA GLN A 96 -14.68 -18.48 -14.69
C GLN A 96 -14.44 -18.00 -16.11
N ARG A 97 -15.43 -17.30 -16.66
CA ARG A 97 -15.33 -16.65 -17.99
C ARG A 97 -15.97 -15.28 -17.86
N MET A 98 -15.30 -14.24 -18.36
CA MET A 98 -15.84 -12.89 -18.40
C MET A 98 -15.72 -12.43 -19.84
N TYR A 99 -16.75 -11.86 -20.41
CA TYR A 99 -16.62 -11.24 -21.77
C TYR A 99 -17.56 -10.05 -21.87
N GLY A 100 -17.29 -9.21 -22.85
CA GLY A 100 -18.17 -8.10 -23.17
C GLY A 100 -17.49 -7.01 -23.94
N CYS A 101 -18.14 -5.86 -24.01
CA CYS A 101 -17.70 -4.74 -24.89
C CYS A 101 -17.87 -3.41 -24.18
N ASP A 102 -17.05 -2.45 -24.55
CA ASP A 102 -17.14 -1.04 -24.14
C ASP A 102 -17.47 -0.21 -25.40
N VAL A 103 -18.28 0.83 -25.25
CA VAL A 103 -18.51 1.90 -26.27
C VAL A 103 -18.15 3.24 -25.64
N GLY A 104 -17.68 4.19 -26.44
CA GLY A 104 -17.42 5.58 -26.01
C GLY A 104 -18.71 6.38 -25.95
N SER A 105 -18.57 7.69 -25.84
CA SER A 105 -19.64 8.71 -25.85
C SER A 105 -20.55 8.61 -27.07
N ASP A 106 -19.97 8.25 -28.21
CA ASP A 106 -20.69 8.13 -29.51
C ASP A 106 -21.42 6.77 -29.57
N TRP A 107 -21.37 5.96 -28.52
CA TRP A 107 -21.92 4.58 -28.44
C TRP A 107 -21.39 3.72 -29.58
N ARG A 108 -20.21 4.01 -30.10
CA ARG A 108 -19.51 3.11 -31.06
C ARG A 108 -18.49 2.24 -30.32
N PHE A 109 -18.22 1.08 -30.89
CA PHE A 109 -17.29 0.08 -30.30
C PHE A 109 -15.97 0.75 -29.89
N LEU A 110 -15.45 0.41 -28.73
CA LEU A 110 -14.13 0.88 -28.24
C LEU A 110 -13.26 -0.36 -28.02
N ARG A 111 -13.75 -1.40 -27.34
CA ARG A 111 -12.92 -2.60 -27.15
C ARG A 111 -13.78 -3.76 -26.66
N GLY A 112 -13.29 -4.97 -26.95
CA GLY A 112 -13.94 -6.22 -26.55
C GLY A 112 -13.02 -7.01 -25.67
N TYR A 113 -13.54 -8.00 -24.97
CA TYR A 113 -12.71 -8.84 -24.08
C TYR A 113 -13.43 -10.16 -23.82
N HIS A 114 -12.59 -11.16 -23.62
CA HIS A 114 -12.96 -12.53 -23.28
C HIS A 114 -11.77 -13.13 -22.55
N GLN A 115 -11.99 -13.47 -21.28
CA GLN A 115 -10.97 -14.01 -20.38
C GLN A 115 -11.54 -15.22 -19.65
N TYR A 116 -10.67 -16.18 -19.40
CA TYR A 116 -11.01 -17.51 -18.82
C TYR A 116 -9.99 -17.82 -17.72
N ALA A 117 -10.49 -18.29 -16.56
CA ALA A 117 -9.70 -18.59 -15.35
C ALA A 117 -10.05 -19.99 -14.87
N TYR A 118 -9.06 -20.66 -14.29
CA TYR A 118 -9.15 -21.96 -13.63
C TYR A 118 -8.58 -21.83 -12.23
N ASP A 119 -9.36 -22.23 -11.25
CA ASP A 119 -8.97 -22.22 -9.81
C ASP A 119 -8.33 -20.90 -9.40
N GLY A 120 -8.93 -19.81 -9.83
CA GLY A 120 -8.66 -18.45 -9.32
C GLY A 120 -7.42 -17.85 -9.96
N LYS A 121 -6.93 -18.39 -11.06
CA LYS A 121 -5.78 -17.77 -11.77
C LYS A 121 -6.11 -17.75 -13.25
N ASP A 122 -5.40 -16.92 -14.01
CA ASP A 122 -5.56 -16.85 -15.48
C ASP A 122 -5.36 -18.22 -16.09
N TYR A 123 -6.12 -18.54 -17.11
CA TYR A 123 -5.92 -19.72 -17.96
C TYR A 123 -5.68 -19.22 -19.40
N ILE A 124 -6.65 -18.56 -20.03
CA ILE A 124 -6.45 -18.07 -21.43
C ILE A 124 -7.26 -16.78 -21.62
N ALA A 125 -6.77 -15.89 -22.47
CA ALA A 125 -7.44 -14.60 -22.72
C ALA A 125 -7.29 -14.21 -24.19
N LEU A 126 -8.33 -13.62 -24.75
CA LEU A 126 -8.28 -12.97 -26.08
C LEU A 126 -7.54 -11.64 -25.93
N LYS A 127 -6.59 -11.34 -26.81
CA LYS A 127 -5.89 -10.05 -26.70
C LYS A 127 -6.78 -8.96 -27.28
N GLU A 128 -6.36 -7.70 -27.11
CA GLU A 128 -7.15 -6.50 -27.45
C GLU A 128 -7.44 -6.48 -28.95
N ASP A 129 -6.62 -7.09 -29.80
CA ASP A 129 -6.84 -7.11 -31.27
C ASP A 129 -7.99 -8.05 -31.63
N LEU A 130 -8.46 -8.85 -30.68
CA LEU A 130 -9.57 -9.84 -30.85
C LEU A 130 -9.21 -10.87 -31.93
N ARG A 131 -7.93 -11.11 -32.13
CA ARG A 131 -7.41 -11.99 -33.22
C ARG A 131 -6.52 -13.09 -32.65
N SER A 132 -5.83 -12.85 -31.54
CA SER A 132 -4.83 -13.77 -30.94
C SER A 132 -5.09 -13.99 -29.45
N TRP A 133 -4.39 -14.97 -28.86
CA TRP A 133 -4.63 -15.49 -27.49
C TRP A 133 -3.38 -15.41 -26.60
N THR A 134 -3.55 -15.16 -25.31
CA THR A 134 -2.51 -15.30 -24.28
C THR A 134 -2.82 -16.54 -23.46
N ALA A 135 -1.95 -17.54 -23.56
CA ALA A 135 -2.00 -18.73 -22.67
C ALA A 135 -1.18 -18.43 -21.40
N ALA A 136 -1.72 -18.75 -20.22
CA ALA A 136 -1.10 -18.47 -18.91
C ALA A 136 0.01 -19.49 -18.60
N ASP A 137 -0.07 -20.71 -19.09
CA ASP A 137 0.83 -21.83 -18.71
C ASP A 137 0.82 -22.88 -19.81
N MET A 138 1.52 -23.99 -19.57
CA MET A 138 1.75 -25.03 -20.60
C MET A 138 0.42 -25.71 -20.98
N ALA A 139 -0.45 -26.04 -20.03
CA ALA A 139 -1.77 -26.63 -20.33
C ALA A 139 -2.58 -25.72 -21.27
N ALA A 140 -2.61 -24.41 -21.00
CA ALA A 140 -3.37 -23.43 -21.81
C ALA A 140 -2.82 -23.32 -23.23
N GLN A 141 -1.57 -23.70 -23.43
CA GLN A 141 -0.99 -23.69 -24.80
C GLN A 141 -1.76 -24.72 -25.67
N THR A 142 -2.22 -25.85 -25.13
CA THR A 142 -3.05 -26.83 -25.90
C THR A 142 -4.33 -26.10 -26.36
N THR A 143 -5.01 -25.42 -25.45
CA THR A 143 -6.26 -24.71 -25.74
C THR A 143 -5.98 -23.65 -26.80
N LYS A 144 -4.89 -22.91 -26.65
CA LYS A 144 -4.55 -21.85 -27.59
C LYS A 144 -4.36 -22.46 -28.99
N HIS A 145 -3.59 -23.54 -29.12
CA HIS A 145 -3.34 -24.17 -30.45
C HIS A 145 -4.70 -24.58 -31.05
N LYS A 146 -5.58 -25.16 -30.23
CA LYS A 146 -6.90 -25.68 -30.67
C LYS A 146 -7.76 -24.51 -31.19
N TRP A 147 -7.86 -23.45 -30.40
CA TRP A 147 -8.75 -22.31 -30.68
C TRP A 147 -8.24 -21.48 -31.85
N GLU A 148 -6.92 -21.42 -32.07
CA GLU A 148 -6.33 -20.76 -33.26
C GLU A 148 -6.69 -21.57 -34.51
N ALA A 149 -6.44 -22.90 -34.49
CA ALA A 149 -6.69 -23.78 -35.65
C ALA A 149 -8.18 -23.73 -36.01
N ALA A 150 -9.06 -23.60 -35.04
CA ALA A 150 -10.52 -23.55 -35.23
C ALA A 150 -11.02 -22.13 -35.52
N HIS A 151 -10.20 -21.07 -35.49
CA HIS A 151 -10.67 -19.69 -35.77
C HIS A 151 -11.80 -19.28 -34.80
N VAL A 152 -11.63 -19.63 -33.52
CA VAL A 152 -12.54 -19.20 -32.42
C VAL A 152 -12.49 -17.67 -32.28
N ALA A 153 -11.33 -17.03 -32.41
CA ALA A 153 -11.21 -15.56 -32.25
C ALA A 153 -12.15 -14.83 -33.23
N GLU A 154 -12.29 -15.33 -34.45
CA GLU A 154 -13.17 -14.72 -35.50
C GLU A 154 -14.62 -14.70 -34.99
N GLN A 155 -15.08 -15.81 -34.40
CA GLN A 155 -16.47 -15.95 -33.89
C GLN A 155 -16.69 -14.95 -32.73
N LEU A 156 -15.76 -14.92 -31.78
CA LEU A 156 -15.84 -13.99 -30.65
C LEU A 156 -15.84 -12.56 -31.18
N ARG A 157 -14.90 -12.27 -32.06
CA ARG A 157 -14.78 -10.90 -32.61
C ARG A 157 -16.13 -10.47 -33.19
N ALA A 158 -16.79 -11.31 -33.99
CA ALA A 158 -18.06 -10.90 -34.65
C ALA A 158 -19.09 -10.57 -33.57
N TYR A 159 -19.10 -11.35 -32.47
CA TYR A 159 -20.07 -11.14 -31.38
C TYR A 159 -19.70 -9.84 -30.64
N LEU A 160 -18.43 -9.62 -30.32
CA LEU A 160 -18.04 -8.51 -29.43
C LEU A 160 -18.13 -7.18 -30.17
N GLU A 161 -17.76 -7.16 -31.47
CA GLU A 161 -17.84 -5.93 -32.28
C GLU A 161 -19.26 -5.68 -32.78
N GLY A 162 -20.11 -6.71 -32.90
CA GLY A 162 -21.42 -6.60 -33.55
C GLY A 162 -22.52 -6.72 -32.51
N THR A 163 -23.01 -7.94 -32.28
CA THR A 163 -24.12 -8.23 -31.34
C THR A 163 -23.97 -7.44 -30.04
N CYS A 164 -22.80 -7.54 -29.38
CA CYS A 164 -22.59 -7.00 -28.02
C CYS A 164 -22.89 -5.50 -28.03
N VAL A 165 -22.39 -4.77 -29.04
CA VAL A 165 -22.58 -3.31 -29.14
C VAL A 165 -24.02 -2.96 -29.51
N GLU A 166 -24.63 -3.69 -30.45
CA GLU A 166 -26.03 -3.44 -30.87
C GLU A 166 -26.96 -3.62 -29.66
N TRP A 167 -26.75 -4.66 -28.84
CA TRP A 167 -27.66 -4.89 -27.69
C TRP A 167 -27.39 -3.90 -26.55
N LEU A 168 -26.13 -3.56 -26.29
CA LEU A 168 -25.78 -2.53 -25.26
C LEU A 168 -26.53 -1.24 -25.60
N ARG A 169 -26.51 -0.82 -26.85
CA ARG A 169 -27.26 0.38 -27.27
C ARG A 169 -28.76 0.22 -27.02
N ARG A 170 -29.34 -0.93 -27.36
CA ARG A 170 -30.77 -1.16 -27.09
C ARG A 170 -31.03 -1.06 -25.58
N TYR A 171 -30.21 -1.70 -24.74
CA TYR A 171 -30.40 -1.64 -23.27
C TYR A 171 -30.29 -0.19 -22.77
N LEU A 172 -29.32 0.58 -23.25
CA LEU A 172 -29.09 1.97 -22.79
C LEU A 172 -30.34 2.84 -23.08
N GLU A 173 -31.00 2.62 -24.21
CA GLU A 173 -32.20 3.42 -24.61
C GLU A 173 -33.40 2.90 -23.79
N ASN A 174 -33.61 1.58 -23.74
CA ASN A 174 -34.77 1.00 -23.01
C ASN A 174 -34.64 1.29 -21.51
N GLY A 175 -33.44 1.20 -20.93
CA GLY A 175 -33.19 1.44 -19.49
C GLY A 175 -32.64 2.83 -19.24
N LYS A 176 -32.95 3.78 -20.10
CA LYS A 176 -32.34 5.14 -20.10
C LYS A 176 -32.36 5.77 -18.69
N GLU A 177 -33.49 5.75 -18.00
CA GLU A 177 -33.67 6.46 -16.70
C GLU A 177 -32.68 5.93 -15.66
N THR A 178 -32.41 4.64 -15.69
CA THR A 178 -31.48 4.05 -14.70
C THR A 178 -30.06 4.05 -15.26
N LEU A 179 -29.84 3.74 -16.52
CA LEU A 179 -28.47 3.48 -17.04
C LEU A 179 -27.81 4.78 -17.49
N GLN A 180 -28.56 5.78 -17.94
CA GLN A 180 -27.90 7.00 -18.48
C GLN A 180 -27.82 8.09 -17.40
N ARG A 181 -27.92 7.75 -16.12
CA ARG A 181 -27.92 8.73 -15.01
C ARG A 181 -26.49 8.84 -14.44
N THR A 182 -26.18 9.93 -13.79
CA THR A 182 -25.05 9.99 -12.84
C THR A 182 -25.65 10.51 -11.54
N ASP A 183 -25.48 9.81 -10.43
CA ASP A 183 -25.85 10.37 -9.11
C ASP A 183 -24.55 10.88 -8.47
N ALA A 184 -24.43 12.18 -8.31
CA ALA A 184 -23.21 12.80 -7.73
C ALA A 184 -23.13 12.35 -6.29
N PRO A 185 -21.93 12.11 -5.74
CA PRO A 185 -21.83 11.74 -4.33
C PRO A 185 -22.30 12.85 -3.37
N LYS A 186 -23.05 12.47 -2.32
CA LYS A 186 -23.32 13.35 -1.17
C LYS A 186 -22.11 13.22 -0.25
N THR A 187 -21.39 14.35 0.00
CA THR A 187 -20.08 14.30 0.70
C THR A 187 -20.14 15.05 2.01
N HIS A 188 -19.41 14.54 3.00
CA HIS A 188 -19.19 15.27 4.27
C HIS A 188 -17.91 14.72 4.93
N MET A 189 -17.38 15.45 5.91
CA MET A 189 -16.20 15.02 6.68
C MET A 189 -16.63 14.83 8.13
N THR A 190 -16.15 13.79 8.79
CA THR A 190 -16.27 13.63 10.27
C THR A 190 -14.90 13.82 10.92
N HIS A 191 -14.93 14.12 12.22
CA HIS A 191 -13.72 14.25 13.07
C HIS A 191 -13.92 13.39 14.32
N HIS A 192 -13.00 12.45 14.59
CA HIS A 192 -13.02 11.66 15.86
C HIS A 192 -11.67 11.80 16.56
N ALA A 193 -11.71 12.24 17.81
CA ALA A 193 -10.51 12.37 18.66
C ALA A 193 -10.14 10.99 19.19
N VAL A 194 -9.09 10.41 18.62
CA VAL A 194 -8.54 9.08 19.04
C VAL A 194 -7.96 9.20 20.48
N SER A 195 -7.22 10.29 20.77
CA SER A 195 -6.56 10.64 22.06
C SER A 195 -6.57 12.17 22.22
N ASP A 196 -5.84 12.71 23.18
CA ASP A 196 -5.43 14.14 23.22
C ASP A 196 -4.46 14.52 22.08
N HIS A 197 -3.80 13.57 21.39
CA HIS A 197 -2.61 13.83 20.52
C HIS A 197 -2.92 13.71 19.02
N GLU A 198 -3.97 12.96 18.67
CA GLU A 198 -4.33 12.63 17.27
C GLU A 198 -5.86 12.65 17.13
N ALA A 199 -6.31 12.96 15.94
CA ALA A 199 -7.73 12.86 15.52
C ALA A 199 -7.76 12.15 14.17
N THR A 200 -8.87 11.49 13.87
CA THR A 200 -9.17 10.87 12.56
C THR A 200 -10.14 11.78 11.82
N LEU A 201 -9.74 12.23 10.64
CA LEU A 201 -10.65 12.86 9.68
C LEU A 201 -11.12 11.80 8.72
N ARG A 202 -12.42 11.69 8.54
CA ARG A 202 -13.01 10.67 7.63
C ARG A 202 -13.86 11.40 6.62
N CYS A 203 -13.48 11.28 5.36
CA CYS A 203 -14.14 11.93 4.21
C CYS A 203 -15.10 10.92 3.55
N TRP A 204 -16.37 11.24 3.47
CA TRP A 204 -17.45 10.32 3.07
C TRP A 204 -18.01 10.71 1.69
N ALA A 205 -18.33 9.69 0.90
CA ALA A 205 -19.07 9.81 -0.36
C ALA A 205 -20.20 8.79 -0.37
N LEU A 206 -21.45 9.26 -0.46
CA LEU A 206 -22.66 8.42 -0.34
C LEU A 206 -23.56 8.60 -1.55
N SER A 207 -24.34 7.56 -1.88
CA SER A 207 -25.45 7.59 -2.84
C SER A 207 -24.94 8.00 -4.21
N PHE A 208 -23.81 7.50 -4.69
CA PHE A 208 -23.34 7.87 -6.05
C PHE A 208 -23.50 6.70 -7.02
N TYR A 209 -23.59 7.06 -8.30
CA TYR A 209 -23.64 6.15 -9.45
C TYR A 209 -23.02 6.90 -10.62
N PRO A 210 -22.17 6.29 -11.44
CA PRO A 210 -21.71 4.89 -11.27
C PRO A 210 -20.68 4.72 -10.14
N ALA A 211 -20.14 3.51 -9.97
CA ALA A 211 -19.27 3.17 -8.82
C ALA A 211 -17.90 3.87 -8.90
N GLU A 212 -17.40 4.18 -10.09
CA GLU A 212 -16.05 4.79 -10.29
C GLU A 212 -15.99 6.11 -9.50
N ILE A 213 -15.01 6.26 -8.63
CA ILE A 213 -14.81 7.49 -7.81
C ILE A 213 -13.36 7.52 -7.38
N THR A 214 -12.81 8.72 -7.11
CA THR A 214 -11.47 8.87 -6.49
C THR A 214 -11.62 9.75 -5.28
N LEU A 215 -11.20 9.24 -4.13
CA LEU A 215 -11.06 10.02 -2.89
C LEU A 215 -9.57 10.09 -2.57
N THR A 216 -8.98 11.25 -2.39
CA THR A 216 -7.60 11.37 -1.98
C THR A 216 -7.50 12.41 -0.84
N TRP A 217 -6.46 12.30 -0.02
CA TRP A 217 -6.09 13.34 0.97
C TRP A 217 -4.91 14.16 0.47
N GLN A 218 -4.92 15.44 0.80
CA GLN A 218 -3.74 16.32 0.62
C GLN A 218 -3.39 16.92 1.99
N ARG A 219 -2.12 17.22 2.21
CA ARG A 219 -1.66 18.10 3.31
C ARG A 219 -0.93 19.28 2.71
N ASP A 220 -1.41 20.51 2.98
CA ASP A 220 -0.92 21.76 2.35
C ASP A 220 -0.82 21.59 0.83
N GLY A 221 -1.84 21.02 0.21
CA GLY A 221 -1.91 20.92 -1.25
C GLY A 221 -1.03 19.84 -1.85
N GLU A 222 -0.39 18.97 -1.07
CA GLU A 222 0.45 17.85 -1.57
C GLU A 222 -0.21 16.52 -1.20
N ASP A 223 -0.07 15.50 -2.06
CA ASP A 223 -0.67 14.16 -1.84
C ASP A 223 -0.18 13.62 -0.51
N GLN A 224 -1.06 13.01 0.24
CA GLN A 224 -0.77 12.39 1.53
C GLN A 224 -1.30 10.97 1.45
N THR A 225 -0.42 9.97 1.52
CA THR A 225 -0.83 8.56 1.65
C THR A 225 -0.42 8.02 3.02
N GLN A 226 0.60 8.56 3.68
CA GLN A 226 0.99 8.07 5.03
C GLN A 226 -0.17 8.31 6.02
N ASP A 227 -0.42 7.34 6.91
CA ASP A 227 -1.44 7.43 8.00
C ASP A 227 -2.85 7.64 7.40
N THR A 228 -3.08 7.14 6.18
CA THR A 228 -4.42 7.17 5.54
C THR A 228 -4.93 5.75 5.40
N GLU A 229 -6.24 5.64 5.31
CA GLU A 229 -6.98 4.37 5.08
C GLU A 229 -8.08 4.68 4.06
N LEU A 230 -8.20 3.82 3.07
CA LEU A 230 -9.20 3.91 1.98
C LEU A 230 -10.01 2.60 2.02
N VAL A 231 -11.35 2.63 2.09
CA VAL A 231 -12.10 1.36 1.97
C VAL A 231 -12.45 1.15 0.50
N GLU A 232 -12.72 -0.12 0.16
CA GLU A 232 -13.28 -0.54 -1.13
C GLU A 232 -14.68 0.11 -1.30
N THR A 233 -14.95 0.62 -2.51
CA THR A 233 -16.28 1.11 -2.91
C THR A 233 -17.28 -0.03 -2.67
N ARG A 234 -18.42 0.29 -2.08
CA ARG A 234 -19.35 -0.73 -1.58
C ARG A 234 -20.76 -0.35 -2.03
N PRO A 235 -21.57 -1.37 -2.38
CA PRO A 235 -22.95 -1.12 -2.78
C PRO A 235 -23.82 -0.75 -1.56
N ALA A 236 -24.71 0.23 -1.74
CA ALA A 236 -25.73 0.60 -0.74
C ALA A 236 -26.87 -0.42 -0.73
N GLY A 237 -27.15 -1.08 -1.86
CA GLY A 237 -28.25 -2.04 -1.95
C GLY A 237 -29.44 -1.48 -2.71
N ASP A 238 -29.42 -0.20 -3.06
CA ASP A 238 -30.49 0.55 -3.77
C ASP A 238 -30.01 1.00 -5.15
N GLY A 239 -28.92 0.46 -5.71
CA GLY A 239 -28.40 0.91 -7.00
C GLY A 239 -27.33 2.00 -6.89
N THR A 240 -27.00 2.45 -5.68
CA THR A 240 -25.93 3.46 -5.45
C THR A 240 -24.77 2.82 -4.67
N PHE A 241 -23.69 3.60 -4.55
CA PHE A 241 -22.39 3.19 -3.99
C PHE A 241 -21.98 4.16 -2.89
N GLN A 242 -21.06 3.69 -2.04
CA GLN A 242 -20.54 4.33 -0.85
C GLN A 242 -19.01 4.14 -0.83
N LYS A 243 -18.29 5.12 -0.27
CA LYS A 243 -16.84 4.98 -0.05
C LYS A 243 -16.41 6.01 0.99
N TRP A 244 -15.38 5.69 1.74
CA TRP A 244 -14.72 6.67 2.63
C TRP A 244 -13.21 6.53 2.59
N ALA A 245 -12.55 7.64 2.98
CA ALA A 245 -11.11 7.79 3.12
C ALA A 245 -10.87 8.53 4.42
N ALA A 246 -9.95 8.03 5.23
CA ALA A 246 -9.58 8.60 6.54
C ALA A 246 -8.08 8.91 6.58
N VAL A 247 -7.73 9.86 7.45
CA VAL A 247 -6.33 10.18 7.76
C VAL A 247 -6.26 10.50 9.24
N VAL A 248 -5.20 10.02 9.89
CA VAL A 248 -4.91 10.30 11.32
C VAL A 248 -3.95 11.48 11.36
N VAL A 249 -4.34 12.54 12.05
CA VAL A 249 -3.57 13.81 12.04
C VAL A 249 -3.24 14.20 13.46
N PRO A 250 -2.12 14.95 13.64
CA PRO A 250 -1.79 15.56 14.91
C PRO A 250 -2.86 16.58 15.33
N SER A 251 -3.29 16.53 16.60
CA SER A 251 -4.22 17.51 17.21
C SER A 251 -3.69 18.91 16.92
N GLY A 252 -4.49 19.77 16.31
CA GLY A 252 -4.06 21.15 16.01
C GLY A 252 -3.59 21.31 14.58
N GLN A 253 -3.55 20.25 13.78
CA GLN A 253 -3.05 20.37 12.39
C GLN A 253 -4.14 19.99 11.41
N GLU A 254 -5.40 19.84 11.87
CA GLU A 254 -6.58 19.40 11.04
C GLU A 254 -6.68 20.30 9.79
N GLN A 255 -6.45 21.60 9.92
CA GLN A 255 -6.72 22.57 8.84
C GLN A 255 -5.70 22.40 7.72
N ARG A 256 -4.60 21.69 7.92
CA ARG A 256 -3.59 21.47 6.84
C ARG A 256 -4.18 20.53 5.75
N TYR A 257 -5.22 19.74 6.09
CA TYR A 257 -5.63 18.55 5.33
C TYR A 257 -6.89 18.85 4.51
N THR A 258 -6.89 18.38 3.26
CA THR A 258 -8.07 18.44 2.39
C THR A 258 -8.38 17.05 1.85
N CYS A 259 -9.65 16.77 1.71
CA CYS A 259 -10.14 15.57 1.02
C CYS A 259 -10.62 15.97 -0.38
N HIS A 260 -10.34 15.16 -1.39
CA HIS A 260 -10.62 15.50 -2.80
C HIS A 260 -11.52 14.41 -3.36
N VAL A 261 -12.65 14.81 -3.96
CA VAL A 261 -13.61 13.85 -4.55
C VAL A 261 -13.71 14.10 -6.05
N GLN A 262 -13.51 13.07 -6.84
CA GLN A 262 -13.72 13.12 -8.33
C GLN A 262 -14.79 12.08 -8.65
N HIS A 263 -15.78 12.48 -9.46
CA HIS A 263 -16.89 11.62 -9.90
C HIS A 263 -17.57 12.26 -11.10
N GLU A 264 -17.98 11.42 -12.06
N GLU A 264 -17.99 11.44 -12.05
CA GLU A 264 -18.66 11.75 -13.34
CA GLU A 264 -18.58 11.90 -13.32
C GLU A 264 -19.85 12.68 -13.05
C GLU A 264 -19.85 12.73 -13.04
N GLY A 265 -20.54 12.54 -11.92
CA GLY A 265 -21.76 13.31 -11.64
C GLY A 265 -21.51 14.67 -11.04
N LEU A 266 -20.29 14.98 -10.60
CA LEU A 266 -19.94 16.27 -10.00
C LEU A 266 -19.69 17.29 -11.11
N PRO A 267 -20.26 18.50 -11.00
CA PRO A 267 -19.97 19.58 -11.95
C PRO A 267 -18.47 19.84 -11.97
N LYS A 268 -17.86 19.80 -10.79
CA LYS A 268 -16.43 20.09 -10.57
C LYS A 268 -15.95 19.18 -9.46
N PRO A 269 -14.67 18.78 -9.47
CA PRO A 269 -14.08 18.03 -8.36
C PRO A 269 -14.21 18.84 -7.06
N LEU A 270 -14.49 18.15 -5.96
CA LEU A 270 -14.74 18.80 -4.65
C LEU A 270 -13.50 18.71 -3.79
N THR A 271 -13.27 19.77 -3.03
CA THR A 271 -12.25 19.90 -1.99
C THR A 271 -13.02 20.07 -0.69
N LEU A 272 -12.88 19.18 0.26
CA LEU A 272 -13.45 19.38 1.62
C LEU A 272 -12.29 19.63 2.61
N ARG A 273 -12.55 20.48 3.56
CA ARG A 273 -11.62 20.86 4.66
C ARG A 273 -12.43 20.83 5.95
N TRP A 274 -11.86 20.25 7.01
CA TRP A 274 -12.54 20.17 8.33
C TRP A 274 -12.91 21.59 8.77
N GLU A 275 -14.20 21.83 9.05
CA GLU A 275 -14.66 23.12 9.62
C GLU A 275 -15.06 22.92 11.08
N PRO A 276 -14.30 23.49 12.05
CA PRO A 276 -14.68 23.43 13.45
C PRO A 276 -16.17 23.84 13.58
N MET B 1 -4.50 -24.08 -7.79
CA MET B 1 -5.48 -23.65 -6.75
C MET B 1 -4.95 -22.40 -6.05
N ILE B 2 -5.48 -21.21 -6.30
CA ILE B 2 -5.08 -20.06 -5.42
C ILE B 2 -6.31 -19.67 -4.60
N GLN B 3 -6.12 -19.50 -3.30
CA GLN B 3 -7.21 -19.12 -2.37
C GLN B 3 -7.00 -17.68 -1.92
N ARG B 4 -8.06 -16.95 -1.58
CA ARG B 4 -7.95 -15.56 -1.10
C ARG B 4 -8.97 -15.36 0.00
N THR B 5 -8.60 -14.70 1.07
CA THR B 5 -9.47 -14.58 2.27
C THR B 5 -10.41 -13.38 2.03
N PRO B 6 -11.66 -13.43 2.51
CA PRO B 6 -12.60 -12.32 2.30
C PRO B 6 -12.27 -11.05 3.10
N LYS B 7 -12.51 -9.89 2.49
CA LYS B 7 -12.63 -8.58 3.14
C LYS B 7 -14.09 -8.41 3.56
N ILE B 8 -14.37 -7.75 4.66
CA ILE B 8 -15.73 -7.64 5.23
C ILE B 8 -16.02 -6.17 5.60
N GLN B 9 -17.11 -5.60 5.11
CA GLN B 9 -17.57 -4.28 5.61
C GLN B 9 -19.01 -4.46 6.10
N VAL B 10 -19.32 -3.86 7.25
CA VAL B 10 -20.67 -3.90 7.84
C VAL B 10 -21.15 -2.46 7.95
N TYR B 11 -22.31 -2.15 7.37
CA TYR B 11 -22.75 -0.73 7.27
C TYR B 11 -24.23 -0.68 6.95
N SER B 12 -24.82 0.51 7.08
CA SER B 12 -26.24 0.75 6.78
C SER B 12 -26.37 1.33 5.36
N ARG B 13 -27.47 1.02 4.69
CA ARG B 13 -27.82 1.62 3.39
C ARG B 13 -27.93 3.13 3.55
N HIS B 14 -28.66 3.61 4.56
CA HIS B 14 -28.88 5.05 4.81
C HIS B 14 -28.18 5.43 6.10
N PRO B 15 -27.86 6.72 6.31
CA PRO B 15 -27.40 7.19 7.62
C PRO B 15 -28.34 6.71 8.74
N ALA B 16 -27.78 6.06 9.76
CA ALA B 16 -28.56 5.41 10.83
C ALA B 16 -29.25 6.49 11.65
N GLU B 17 -30.57 6.43 11.80
CA GLU B 17 -31.29 7.24 12.82
C GLU B 17 -32.04 6.29 13.74
N ASN B 18 -31.85 6.38 15.05
CA ASN B 18 -32.54 5.49 16.00
C ASN B 18 -34.04 5.58 15.72
N GLY B 19 -34.69 4.43 15.53
CA GLY B 19 -36.14 4.30 15.36
C GLY B 19 -36.58 4.49 13.92
N LYS B 20 -35.67 4.71 12.97
CA LYS B 20 -35.99 4.82 11.51
C LYS B 20 -35.57 3.52 10.80
N SER B 21 -36.52 2.94 10.09
CA SER B 21 -36.33 1.74 9.25
C SER B 21 -35.13 1.97 8.30
N ASN B 22 -34.28 0.96 8.12
CA ASN B 22 -33.01 1.04 7.35
C ASN B 22 -32.70 -0.35 6.80
N PHE B 23 -31.57 -0.50 6.10
CA PHE B 23 -31.03 -1.82 5.75
C PHE B 23 -29.62 -1.97 6.33
N LEU B 24 -29.36 -3.13 6.92
CA LEU B 24 -28.03 -3.52 7.43
C LEU B 24 -27.34 -4.36 6.36
N ASN B 25 -26.18 -3.91 5.90
CA ASN B 25 -25.44 -4.58 4.83
C ASN B 25 -24.19 -5.27 5.43
N CYS B 26 -23.83 -6.42 4.86
CA CYS B 26 -22.51 -7.08 5.01
C CYS B 26 -21.98 -7.40 3.63
N TYR B 27 -20.96 -6.66 3.22
CA TYR B 27 -20.32 -6.78 1.89
C TYR B 27 -19.02 -7.56 2.08
N VAL B 28 -19.01 -8.74 1.45
CA VAL B 28 -17.83 -9.67 1.45
CA VAL B 28 -17.83 -9.65 1.46
C VAL B 28 -17.23 -9.66 0.06
N SER B 29 -15.92 -9.45 -0.02
CA SER B 29 -15.22 -9.33 -1.33
C SER B 29 -13.82 -9.88 -1.23
N GLY B 30 -13.18 -10.06 -2.39
CA GLY B 30 -11.77 -10.43 -2.48
C GLY B 30 -11.55 -11.90 -2.19
N PHE B 31 -12.57 -12.76 -2.16
CA PHE B 31 -12.34 -14.15 -1.70
C PHE B 31 -12.35 -15.11 -2.90
N HIS B 32 -11.76 -16.27 -2.67
CA HIS B 32 -11.66 -17.38 -3.63
C HIS B 32 -11.33 -18.63 -2.82
N PRO B 33 -12.02 -19.77 -2.93
CA PRO B 33 -13.15 -19.99 -3.83
C PRO B 33 -14.47 -19.34 -3.38
N SER B 34 -15.56 -19.64 -4.11
CA SER B 34 -16.83 -18.89 -4.04
C SER B 34 -17.67 -19.34 -2.82
N ASP B 35 -17.50 -20.53 -2.31
CA ASP B 35 -18.35 -20.98 -1.16
C ASP B 35 -18.00 -20.13 0.09
N ILE B 36 -19.00 -19.51 0.70
CA ILE B 36 -18.80 -18.62 1.88
C ILE B 36 -20.09 -18.64 2.69
N GLU B 37 -19.95 -18.57 4.01
CA GLU B 37 -21.08 -18.49 4.95
C GLU B 37 -21.09 -17.13 5.60
N VAL B 38 -22.19 -16.42 5.46
CA VAL B 38 -22.36 -15.06 6.01
C VAL B 38 -23.65 -15.04 6.81
N ASP B 39 -23.56 -14.70 8.08
CA ASP B 39 -24.70 -14.46 8.99
C ASP B 39 -24.66 -13.00 9.43
N LEU B 40 -25.82 -12.37 9.52
CA LEU B 40 -25.98 -11.07 10.20
C LEU B 40 -26.46 -11.39 11.61
N LEU B 41 -25.90 -10.73 12.61
CA LEU B 41 -26.24 -10.96 14.03
C LEU B 41 -26.89 -9.71 14.64
N LYS B 42 -27.83 -9.92 15.54
CA LYS B 42 -28.41 -8.90 16.42
C LYS B 42 -28.20 -9.37 17.86
N ASN B 43 -27.43 -8.61 18.62
CA ASN B 43 -27.05 -8.93 20.02
C ASN B 43 -26.50 -10.36 20.05
N GLY B 44 -25.65 -10.72 19.08
CA GLY B 44 -24.97 -12.04 19.08
C GLY B 44 -25.80 -13.16 18.44
N GLU B 45 -27.07 -12.93 18.11
CA GLU B 45 -28.00 -13.99 17.63
C GLU B 45 -28.11 -13.89 16.11
N ARG B 46 -28.02 -14.99 15.41
CA ARG B 46 -28.21 -15.02 13.94
C ARG B 46 -29.61 -14.49 13.58
N ILE B 47 -29.68 -13.56 12.65
CA ILE B 47 -30.94 -13.03 12.06
C ILE B 47 -31.41 -13.97 10.95
N GLU B 48 -32.61 -14.52 11.04
CA GLU B 48 -33.07 -15.61 10.14
C GLU B 48 -33.43 -15.08 8.74
N LYS B 49 -33.94 -13.87 8.59
CA LYS B 49 -34.45 -13.45 7.27
C LYS B 49 -33.41 -12.51 6.67
N VAL B 50 -32.50 -13.03 5.87
CA VAL B 50 -31.40 -12.26 5.26
C VAL B 50 -31.40 -12.62 3.77
N GLU B 51 -31.13 -11.66 2.91
CA GLU B 51 -31.09 -11.88 1.46
C GLU B 51 -29.68 -11.58 0.99
N HIS B 52 -29.34 -11.96 -0.23
CA HIS B 52 -27.98 -11.66 -0.75
C HIS B 52 -28.07 -11.46 -2.26
N SER B 53 -27.07 -10.83 -2.82
CA SER B 53 -26.91 -10.56 -4.27
C SER B 53 -26.52 -11.86 -5.00
N ASP B 54 -26.57 -11.83 -6.33
CA ASP B 54 -26.08 -12.92 -7.21
C ASP B 54 -24.57 -12.89 -7.25
N LEU B 55 -23.92 -14.07 -7.27
CA LEU B 55 -22.46 -14.14 -7.20
C LEU B 55 -21.89 -13.41 -8.43
N SER B 56 -20.92 -12.54 -8.24
CA SER B 56 -20.14 -11.96 -9.34
C SER B 56 -18.67 -11.86 -8.92
N PHE B 57 -17.80 -11.37 -9.81
CA PHE B 57 -16.36 -11.37 -9.49
C PHE B 57 -15.66 -10.19 -10.17
N SER B 58 -14.48 -9.87 -9.65
CA SER B 58 -13.71 -8.65 -9.92
C SER B 58 -12.66 -8.96 -10.97
N LYS B 59 -11.88 -7.96 -11.33
CA LYS B 59 -10.81 -8.06 -12.37
C LYS B 59 -9.73 -9.09 -11.93
N ASP B 60 -9.48 -9.32 -10.65
CA ASP B 60 -8.50 -10.34 -10.16
C ASP B 60 -9.14 -11.74 -9.99
N TRP B 61 -10.39 -11.93 -10.43
CA TRP B 61 -11.19 -13.22 -10.39
C TRP B 61 -11.85 -13.46 -9.02
N SER B 62 -11.55 -12.64 -8.03
CA SER B 62 -12.07 -12.78 -6.66
C SER B 62 -13.57 -12.37 -6.65
N PHE B 63 -14.32 -13.06 -5.81
CA PHE B 63 -15.79 -13.01 -5.71
C PHE B 63 -16.20 -11.88 -4.79
N TYR B 64 -17.42 -11.43 -4.98
CA TYR B 64 -18.09 -10.46 -4.06
C TYR B 64 -19.59 -10.79 -3.95
N LEU B 65 -20.14 -10.57 -2.75
CA LEU B 65 -21.55 -10.73 -2.37
C LEU B 65 -21.97 -9.62 -1.40
N LEU B 66 -23.20 -9.13 -1.54
CA LEU B 66 -23.86 -8.31 -0.51
C LEU B 66 -24.90 -9.16 0.21
N TYR B 67 -24.84 -9.26 1.52
CA TYR B 67 -25.90 -9.81 2.40
C TYR B 67 -26.59 -8.63 3.04
N TYR B 68 -27.92 -8.66 3.19
CA TYR B 68 -28.67 -7.49 3.69
C TYR B 68 -29.96 -7.92 4.36
N THR B 69 -30.43 -7.05 5.27
CA THR B 69 -31.68 -7.25 5.98
C THR B 69 -32.25 -5.88 6.39
N GLU B 70 -33.57 -5.81 6.36
CA GLU B 70 -34.37 -4.65 6.84
C GLU B 70 -34.18 -4.67 8.37
N PHE B 71 -33.94 -3.50 8.97
CA PHE B 71 -33.73 -3.35 10.43
C PHE B 71 -34.03 -1.91 10.83
N THR B 72 -34.28 -1.76 12.12
CA THR B 72 -34.56 -0.47 12.77
C THR B 72 -33.54 -0.32 13.89
N PRO B 73 -32.43 0.40 13.64
CA PRO B 73 -31.41 0.60 14.68
C PRO B 73 -32.03 1.31 15.89
N THR B 74 -31.47 1.03 17.07
CA THR B 74 -31.74 1.73 18.35
C THR B 74 -30.39 2.09 18.98
N GLU B 75 -30.37 2.88 20.05
CA GLU B 75 -29.11 3.27 20.76
C GLU B 75 -28.40 2.01 21.27
N LYS B 76 -29.10 1.00 21.76
CA LYS B 76 -28.46 -0.10 22.54
C LYS B 76 -28.30 -1.38 21.72
N ASP B 77 -29.06 -1.63 20.65
CA ASP B 77 -28.95 -2.89 19.87
C ASP B 77 -27.60 -2.95 19.18
N GLU B 78 -26.90 -4.08 19.30
CA GLU B 78 -25.61 -4.31 18.61
C GLU B 78 -25.82 -5.25 17.43
N TYR B 79 -25.23 -4.89 16.30
CA TYR B 79 -25.28 -5.71 15.08
C TYR B 79 -23.87 -6.09 14.66
N ALA B 80 -23.78 -7.20 13.97
CA ALA B 80 -22.49 -7.73 13.50
C ALA B 80 -22.71 -8.61 12.27
N CYS B 81 -21.60 -8.90 11.60
CA CYS B 81 -21.51 -9.82 10.46
C CYS B 81 -20.55 -10.94 10.80
N ARG B 82 -20.97 -12.20 10.60
CA ARG B 82 -20.15 -13.38 10.95
C ARG B 82 -19.84 -14.11 9.66
N VAL B 83 -18.56 -14.30 9.36
CA VAL B 83 -18.14 -14.89 8.05
C VAL B 83 -17.23 -16.08 8.29
N ASN B 84 -17.54 -17.18 7.61
CA ASN B 84 -16.63 -18.34 7.52
C ASN B 84 -16.33 -18.59 6.04
N HIS B 85 -15.14 -19.12 5.81
CA HIS B 85 -14.59 -19.40 4.45
C HIS B 85 -13.49 -20.45 4.66
N VAL B 86 -13.14 -21.20 3.63
CA VAL B 86 -12.09 -22.24 3.76
C VAL B 86 -10.78 -21.58 4.22
N THR B 87 -10.53 -20.30 3.93
CA THR B 87 -9.24 -19.63 4.32
C THR B 87 -9.19 -19.25 5.82
N LEU B 88 -10.30 -19.31 6.55
CA LEU B 88 -10.36 -18.87 7.96
C LEU B 88 -10.38 -20.12 8.87
N SER B 89 -9.54 -20.19 9.91
CA SER B 89 -9.57 -21.34 10.83
C SER B 89 -10.73 -21.20 11.81
N GLN B 90 -11.28 -20.02 11.98
CA GLN B 90 -12.53 -19.85 12.74
C GLN B 90 -13.30 -18.69 12.11
N PRO B 91 -14.61 -18.57 12.39
CA PRO B 91 -15.43 -17.52 11.82
C PRO B 91 -14.93 -16.12 12.27
N LYS B 92 -14.95 -15.18 11.35
CA LYS B 92 -14.56 -13.79 11.67
C LYS B 92 -15.82 -12.98 11.95
N ILE B 93 -15.87 -12.24 13.05
CA ILE B 93 -17.05 -11.40 13.42
C ILE B 93 -16.61 -9.95 13.32
N VAL B 94 -17.23 -9.19 12.45
CA VAL B 94 -17.00 -7.72 12.36
C VAL B 94 -18.25 -7.02 12.91
N LYS B 95 -18.10 -6.17 13.92
CA LYS B 95 -19.25 -5.45 14.52
C LYS B 95 -19.64 -4.28 13.60
N TRP B 96 -20.92 -3.99 13.52
CA TRP B 96 -21.40 -2.73 12.91
C TRP B 96 -20.98 -1.53 13.77
N ASP B 97 -20.21 -0.61 13.16
CA ASP B 97 -19.87 0.73 13.68
C ASP B 97 -20.62 1.75 12.82
N ARG B 98 -21.58 2.43 13.43
CA ARG B 98 -22.43 3.51 12.87
C ARG B 98 -21.65 4.47 11.95
N ASP B 99 -20.39 4.76 12.28
CA ASP B 99 -19.51 5.81 11.68
C ASP B 99 -18.43 5.18 10.78
N MET B 100 -18.71 4.02 10.19
CA MET B 100 -17.77 3.26 9.32
C MET B 100 -18.50 2.54 8.18
N ILE C 1 -27.54 -9.37 -24.91
CA ILE C 1 -27.69 -10.82 -24.96
C ILE C 1 -26.30 -11.50 -24.90
N ILE C 2 -26.30 -12.73 -24.43
CA ILE C 2 -25.09 -13.60 -24.44
C ILE C 2 -24.88 -14.26 -25.79
N GLY C 3 -23.70 -14.88 -25.92
CA GLY C 3 -23.35 -15.71 -27.09
C GLY C 3 -23.90 -17.14 -26.94
N TRP C 4 -23.92 -17.87 -28.05
CA TRP C 4 -24.36 -19.28 -28.17
C TRP C 4 -23.18 -20.25 -28.36
N MET C 5 -22.14 -19.88 -29.11
CA MET C 5 -21.06 -20.77 -29.58
C MET C 5 -19.90 -20.79 -28.57
N TRP C 6 -19.69 -21.94 -27.92
CA TRP C 6 -18.70 -22.11 -26.82
C TRP C 6 -17.96 -23.40 -27.07
N ILE C 7 -16.81 -23.25 -27.75
CA ILE C 7 -15.86 -24.35 -27.99
C ILE C 7 -15.20 -24.67 -26.65
N PRO C 8 -15.14 -25.97 -26.33
CA PRO C 8 -14.47 -26.45 -25.11
C PRO C 8 -12.96 -26.13 -25.12
N VAL C 9 -12.38 -25.94 -23.95
CA VAL C 9 -10.91 -25.69 -23.77
C VAL C 9 -10.12 -26.95 -24.18
N GLY D 1 26.74 13.25 -10.87
CA GLY D 1 25.27 13.43 -10.70
C GLY D 1 25.01 14.41 -9.57
N SER D 2 23.81 14.44 -9.04
CA SER D 2 23.39 15.37 -7.98
C SER D 2 23.92 14.91 -6.62
N HIS D 3 23.98 15.79 -5.63
CA HIS D 3 24.46 15.47 -4.27
C HIS D 3 23.76 16.34 -3.24
N SER D 4 23.76 15.90 -2.00
CA SER D 4 23.13 16.63 -0.89
C SER D 4 24.07 16.61 0.31
N MET D 5 23.99 17.63 1.12
CA MET D 5 24.54 17.61 2.49
C MET D 5 23.36 17.83 3.43
N ARG D 6 23.31 17.10 4.52
CA ARG D 6 22.16 17.17 5.45
C ARG D 6 22.68 16.95 6.87
N TYR D 7 22.22 17.75 7.79
CA TYR D 7 22.53 17.55 9.21
C TYR D 7 21.24 17.24 9.92
N PHE D 8 21.30 16.36 10.90
CA PHE D 8 20.13 15.84 11.63
C PHE D 8 20.40 16.02 13.10
N PHE D 9 19.56 16.81 13.78
CA PHE D 9 19.75 17.07 15.21
C PHE D 9 18.54 16.52 15.94
N THR D 10 18.80 15.78 17.01
CA THR D 10 17.75 15.20 17.88
C THR D 10 18.08 15.58 19.30
N SER D 11 17.14 16.22 19.98
N SER D 11 17.17 16.25 19.99
CA SER D 11 17.21 16.57 21.40
CA SER D 11 17.29 16.55 21.42
C SER D 11 16.03 15.97 22.17
C SER D 11 16.06 15.95 22.13
N VAL D 12 16.31 15.19 23.20
CA VAL D 12 15.31 14.48 24.00
C VAL D 12 15.43 14.89 25.48
N SER D 13 14.37 15.41 26.08
CA SER D 13 14.39 15.74 27.53
C SER D 13 14.28 14.43 28.30
N ARG D 14 14.84 14.34 29.51
CA ARG D 14 14.86 13.05 30.24
C ARG D 14 14.53 13.31 31.69
N PRO D 15 13.25 13.35 32.03
CA PRO D 15 12.81 13.76 33.37
C PRO D 15 13.55 13.04 34.49
N GLY D 16 13.71 11.73 34.37
CA GLY D 16 14.40 10.90 35.39
C GLY D 16 15.86 11.29 35.56
N ARG D 17 16.67 11.12 34.52
CA ARG D 17 18.03 11.73 34.39
C ARG D 17 17.92 13.25 34.63
N GLY D 18 19.04 13.97 34.62
CA GLY D 18 19.05 15.44 34.53
C GLY D 18 19.01 15.84 33.08
N GLU D 19 20.17 15.85 32.42
CA GLU D 19 20.41 16.56 31.15
C GLU D 19 19.54 15.96 30.04
N PRO D 20 19.04 16.77 29.11
CA PRO D 20 18.53 16.26 27.85
C PRO D 20 19.66 15.51 27.13
N ARG D 21 19.30 14.65 26.21
CA ARG D 21 20.30 14.02 25.33
C ARG D 21 20.28 14.71 23.98
N PHE D 22 21.44 15.11 23.50
N PHE D 22 21.44 15.17 23.51
CA PHE D 22 21.56 15.83 22.21
CA PHE D 22 21.62 15.91 22.22
C PHE D 22 22.47 15.02 21.29
C PHE D 22 22.48 15.03 21.29
N ILE D 23 21.95 14.65 20.13
CA ILE D 23 22.68 13.89 19.10
C ILE D 23 22.63 14.72 17.83
N ALA D 24 23.76 14.80 17.15
CA ALA D 24 23.87 15.46 15.82
C ALA D 24 24.62 14.54 14.86
N VAL D 25 24.12 14.33 13.64
CA VAL D 25 24.88 13.56 12.62
C VAL D 25 24.86 14.40 11.35
N GLY D 26 25.95 14.34 10.59
CA GLY D 26 25.99 14.91 9.22
C GLY D 26 26.21 13.86 8.17
N TYR D 27 25.57 14.03 6.99
CA TYR D 27 25.64 13.13 5.84
C TYR D 27 25.99 13.96 4.60
N VAL D 28 26.83 13.37 3.76
CA VAL D 28 26.85 13.68 2.31
C VAL D 28 26.22 12.49 1.59
N ASP D 29 25.13 12.75 0.87
CA ASP D 29 24.37 11.68 0.19
C ASP D 29 23.97 10.69 1.29
N ASP D 30 24.28 9.41 1.12
CA ASP D 30 23.94 8.36 2.09
C ASP D 30 25.15 8.02 2.95
N THR D 31 26.19 8.87 2.96
CA THR D 31 27.45 8.57 3.68
C THR D 31 27.53 9.50 4.91
N GLN D 32 27.47 8.92 6.12
CA GLN D 32 27.63 9.69 7.39
C GLN D 32 29.08 10.12 7.52
N PHE D 33 29.34 11.34 7.99
CA PHE D 33 30.72 11.82 8.18
C PHE D 33 31.03 12.44 9.54
N VAL D 34 30.06 12.96 10.29
CA VAL D 34 30.33 13.51 11.65
C VAL D 34 29.24 13.00 12.59
N ARG D 35 29.57 13.03 13.86
CA ARG D 35 28.60 12.88 14.93
C ARG D 35 29.00 13.78 16.11
N PHE D 36 27.98 14.12 16.91
CA PHE D 36 28.12 14.59 18.30
C PHE D 36 27.07 13.88 19.15
N ASP D 37 27.46 13.42 20.32
CA ASP D 37 26.57 12.79 21.32
C ASP D 37 26.89 13.41 22.67
N SER D 38 25.96 14.17 23.24
CA SER D 38 26.20 14.87 24.53
C SER D 38 26.50 13.85 25.64
N ASP D 39 26.12 12.58 25.51
CA ASP D 39 26.39 11.56 26.56
C ASP D 39 27.81 10.96 26.42
N ALA D 40 28.51 11.14 25.31
CA ALA D 40 29.81 10.46 25.09
C ALA D 40 30.91 11.21 25.85
N ALA D 41 32.09 10.58 26.02
CA ALA D 41 33.14 11.08 26.93
C ALA D 41 33.80 12.31 26.29
N SER D 42 33.99 12.31 24.98
CA SER D 42 34.84 13.34 24.31
C SER D 42 34.21 14.72 24.46
N GLN D 43 32.88 14.87 24.43
CA GLN D 43 32.24 16.20 24.27
C GLN D 43 32.84 16.91 23.02
N ARG D 44 33.07 16.19 21.94
CA ARG D 44 33.65 16.77 20.69
C ARG D 44 32.81 16.31 19.49
N MET D 45 32.65 17.18 18.50
CA MET D 45 32.25 16.69 17.15
C MET D 45 33.35 15.72 16.68
N GLU D 46 32.99 14.57 16.19
CA GLU D 46 33.91 13.45 15.90
C GLU D 46 33.76 13.02 14.44
N PRO D 47 34.86 12.55 13.82
CA PRO D 47 34.77 12.10 12.45
C PRO D 47 34.08 10.72 12.38
N ARG D 48 33.31 10.49 11.31
CA ARG D 48 32.69 9.17 11.05
C ARG D 48 32.96 8.71 9.62
N ALA D 49 33.89 9.35 8.91
CA ALA D 49 34.31 8.92 7.58
C ALA D 49 35.81 9.13 7.45
N PRO D 50 36.53 8.24 6.74
CA PRO D 50 37.95 8.43 6.48
C PRO D 50 38.35 9.79 5.92
N TRP D 51 37.62 10.34 4.97
CA TRP D 51 38.06 11.55 4.20
C TRP D 51 37.88 12.83 5.02
N ILE D 52 37.09 12.83 6.11
CA ILE D 52 36.91 14.05 6.94
C ILE D 52 38.05 14.14 7.96
N GLU D 53 38.72 13.02 8.27
CA GLU D 53 39.79 12.93 9.31
C GLU D 53 40.95 13.85 8.99
N GLN D 54 41.20 14.16 7.73
CA GLN D 54 42.34 15.06 7.36
C GLN D 54 41.98 16.53 7.66
N GLU D 55 40.75 16.89 8.04
CA GLU D 55 40.45 18.29 8.45
C GLU D 55 41.27 18.60 9.69
N GLY D 56 41.82 19.80 9.80
CA GLY D 56 42.72 20.21 10.89
C GLY D 56 41.99 20.51 12.19
N PRO D 57 42.77 20.78 13.27
CA PRO D 57 42.20 21.02 14.58
C PRO D 57 41.24 22.22 14.63
N GLU D 58 41.44 23.26 13.81
CA GLU D 58 40.51 24.42 13.80
C GLU D 58 39.12 23.95 13.33
N TYR D 59 39.06 23.01 12.38
CA TYR D 59 37.77 22.49 11.87
C TYR D 59 37.05 21.86 13.07
N TRP D 60 37.73 20.96 13.79
CA TRP D 60 37.14 20.17 14.91
C TRP D 60 36.74 21.10 16.05
N ASP D 61 37.59 22.07 16.39
CA ASP D 61 37.35 23.09 17.42
C ASP D 61 36.11 23.89 17.04
N GLY D 62 36.01 24.36 15.79
CA GLY D 62 34.86 25.14 15.29
C GLY D 62 33.56 24.34 15.31
N GLU D 63 33.57 23.13 14.79
CA GLU D 63 32.34 22.31 14.73
C GLU D 63 31.93 21.94 16.15
N THR D 64 32.85 21.72 17.09
CA THR D 64 32.49 21.37 18.49
C THR D 64 31.79 22.58 19.15
N ARG D 65 32.39 23.76 19.04
CA ARG D 65 31.82 25.05 19.58
C ARG D 65 30.41 25.19 19.02
N LYS D 66 30.25 25.05 17.71
CA LYS D 66 28.95 25.34 17.06
C LYS D 66 27.94 24.30 17.45
N VAL D 67 28.34 23.05 17.60
CA VAL D 67 27.33 21.99 17.84
C VAL D 67 26.85 22.09 19.31
N LYS D 68 27.72 22.56 20.21
CA LYS D 68 27.34 22.86 21.59
C LYS D 68 26.37 24.06 21.61
N ALA D 69 26.58 25.06 20.75
CA ALA D 69 25.66 26.22 20.63
C ALA D 69 24.30 25.72 20.15
N HIS D 70 24.26 24.80 19.17
N HIS D 70 24.30 24.81 19.21
CA HIS D 70 22.99 24.19 18.69
CA HIS D 70 23.04 24.19 18.77
C HIS D 70 22.28 23.49 19.89
C HIS D 70 22.30 23.53 19.94
N SER D 71 23.00 22.72 20.73
CA SER D 71 22.33 21.99 21.84
C SER D 71 21.80 22.94 22.90
N GLN D 72 22.48 24.06 23.18
CA GLN D 72 22.03 25.08 24.16
C GLN D 72 20.71 25.68 23.68
N THR D 73 20.60 26.03 22.41
CA THR D 73 19.30 26.50 21.80
C THR D 73 18.23 25.41 21.84
N HIS D 74 18.52 24.17 21.50
CA HIS D 74 17.56 23.06 21.68
C HIS D 74 17.15 22.89 23.15
N ARG D 75 18.05 23.12 24.10
N ARG D 75 18.04 23.13 24.13
CA ARG D 75 17.74 23.09 25.56
CA ARG D 75 17.68 23.08 25.59
C ARG D 75 16.69 24.18 25.88
C ARG D 75 16.70 24.22 25.92
N VAL D 76 16.89 25.40 25.37
CA VAL D 76 15.89 26.50 25.51
C VAL D 76 14.54 26.07 24.88
N ASP D 77 14.58 25.57 23.64
CA ASP D 77 13.40 25.11 22.86
C ASP D 77 12.62 24.04 23.65
N LEU D 78 13.25 23.06 24.26
CA LEU D 78 12.50 22.04 25.06
C LEU D 78 11.65 22.74 26.13
N GLY D 79 12.21 23.72 26.88
CA GLY D 79 11.48 24.50 27.90
C GLY D 79 10.35 25.34 27.27
N THR D 80 10.65 26.08 26.18
CA THR D 80 9.69 26.98 25.54
C THR D 80 8.49 26.17 25.04
N LEU D 81 8.72 25.05 24.38
CA LEU D 81 7.65 24.23 23.76
C LEU D 81 6.76 23.61 24.83
N ARG D 82 7.28 23.17 25.98
CA ARG D 82 6.41 22.74 27.10
C ARG D 82 5.50 23.90 27.50
N GLY D 83 6.02 25.12 27.52
CA GLY D 83 5.20 26.30 27.84
C GLY D 83 4.15 26.56 26.75
N TYR D 84 4.55 26.54 25.47
CA TYR D 84 3.61 26.87 24.36
C TYR D 84 2.47 25.82 24.37
N TYR D 85 2.76 24.55 24.67
CA TYR D 85 1.77 23.44 24.62
C TYR D 85 1.22 23.11 26.00
N ASN D 86 1.53 23.89 27.01
CA ASN D 86 0.98 23.74 28.38
C ASN D 86 1.22 22.29 28.85
N GLN D 87 2.44 21.78 28.73
CA GLN D 87 2.82 20.42 29.17
C GLN D 87 3.53 20.46 30.53
N SER D 88 3.32 19.46 31.37
CA SER D 88 4.05 19.30 32.66
C SER D 88 5.52 18.90 32.41
N GLU D 89 6.31 18.91 33.48
CA GLU D 89 7.71 18.46 33.52
C GLU D 89 7.82 16.93 33.44
N ALA D 90 6.76 16.20 33.73
CA ALA D 90 6.81 14.74 34.01
C ALA D 90 7.23 13.94 32.78
N GLY D 91 6.89 14.38 31.56
CA GLY D 91 7.06 13.54 30.35
C GLY D 91 8.33 13.90 29.55
N SER D 92 8.88 12.94 28.84
CA SER D 92 10.02 13.11 27.92
C SER D 92 9.48 13.70 26.62
N HIS D 93 10.15 14.70 26.05
CA HIS D 93 9.71 15.34 24.77
C HIS D 93 10.90 15.36 23.83
N THR D 94 10.65 15.52 22.53
CA THR D 94 11.67 15.38 21.49
C THR D 94 11.59 16.59 20.57
N VAL D 95 12.71 17.28 20.35
CA VAL D 95 12.81 18.25 19.24
C VAL D 95 13.72 17.65 18.18
N GLN D 96 13.34 17.78 16.92
CA GLN D 96 14.28 17.44 15.83
C GLN D 96 14.40 18.62 14.89
N ARG D 97 15.54 18.75 14.24
CA ARG D 97 15.80 19.76 13.20
C ARG D 97 16.60 19.06 12.10
N MET D 98 16.27 19.33 10.83
CA MET D 98 17.09 18.84 9.70
C MET D 98 17.32 20.06 8.82
N TYR D 99 18.51 20.22 8.27
CA TYR D 99 18.74 21.25 7.25
C TYR D 99 19.83 20.79 6.30
N GLY D 100 19.98 21.48 5.16
CA GLY D 100 20.96 21.10 4.17
C GLY D 100 20.61 21.60 2.79
N CYS D 101 21.48 21.26 1.84
CA CYS D 101 21.37 21.72 0.42
C CYS D 101 21.56 20.54 -0.52
N ASP D 102 20.94 20.67 -1.67
CA ASP D 102 21.14 19.79 -2.85
C ASP D 102 21.93 20.62 -3.89
N VAL D 103 22.79 19.96 -4.64
CA VAL D 103 23.45 20.51 -5.85
C VAL D 103 23.19 19.52 -6.99
N GLY D 104 23.11 20.03 -8.20
CA GLY D 104 23.01 19.21 -9.41
C GLY D 104 24.38 18.70 -9.83
N SER D 105 24.43 18.18 -11.03
CA SER D 105 25.63 17.67 -11.72
C SER D 105 26.76 18.69 -11.80
N ASP D 106 26.42 19.96 -11.90
CA ASP D 106 27.40 21.08 -11.97
C ASP D 106 27.92 21.43 -10.56
N TRP D 107 27.46 20.73 -9.51
CA TRP D 107 27.75 21.00 -8.07
C TRP D 107 27.39 22.47 -7.71
N ARG D 108 26.39 23.05 -8.38
CA ARG D 108 25.83 24.36 -8.00
C ARG D 108 24.48 24.20 -7.28
N PHE D 109 24.12 25.19 -6.48
CA PHE D 109 22.89 25.16 -5.62
C PHE D 109 21.67 24.77 -6.48
N LEU D 110 20.86 23.85 -5.96
CA LEU D 110 19.58 23.43 -6.56
C LEU D 110 18.46 23.75 -5.54
N ARG D 111 18.63 23.41 -4.28
CA ARG D 111 17.56 23.73 -3.27
C ARG D 111 18.08 23.52 -1.86
N GLY D 112 17.46 24.23 -0.93
CA GLY D 112 17.79 24.24 0.49
C GLY D 112 16.58 23.82 1.31
N TYR D 113 16.84 23.46 2.57
CA TYR D 113 15.85 22.86 3.51
C TYR D 113 16.26 23.29 4.93
N HIS D 114 15.28 23.59 5.76
CA HIS D 114 15.42 23.79 7.21
C HIS D 114 14.05 23.53 7.83
N GLN D 115 13.96 22.46 8.59
CA GLN D 115 12.67 21.90 9.05
C GLN D 115 12.85 21.54 10.52
N TYR D 116 11.79 21.69 11.29
CA TYR D 116 11.78 21.50 12.75
C TYR D 116 10.53 20.70 13.10
N ALA D 117 10.69 19.75 14.04
CA ALA D 117 9.60 18.87 14.53
C ALA D 117 9.60 18.88 16.05
N TYR D 118 8.41 18.74 16.63
CA TYR D 118 8.21 18.55 18.08
C TYR D 118 7.34 17.32 18.29
N ASP D 119 7.81 16.42 19.13
CA ASP D 119 7.07 15.19 19.48
C ASP D 119 6.60 14.45 18.22
N GLY D 120 7.45 14.38 17.19
CA GLY D 120 7.27 13.47 16.06
C GLY D 120 6.32 14.04 15.02
N LYS D 121 5.96 15.32 15.10
CA LYS D 121 5.09 15.97 14.10
C LYS D 121 5.75 17.27 13.67
N ASP D 122 5.38 17.75 12.48
CA ASP D 122 5.87 19.06 11.97
C ASP D 122 5.61 20.14 13.00
N TYR D 123 6.57 21.06 13.12
CA TYR D 123 6.40 22.29 13.94
C TYR D 123 6.55 23.50 12.99
N ILE D 124 7.73 23.73 12.40
CA ILE D 124 7.91 24.86 11.49
C ILE D 124 8.90 24.48 10.41
N ALA D 125 8.76 25.03 9.22
CA ALA D 125 9.67 24.72 8.09
C ALA D 125 9.83 25.97 7.21
N LEU D 126 11.04 26.18 6.72
CA LEU D 126 11.33 27.20 5.69
C LEU D 126 10.77 26.72 4.35
N LYS D 127 10.07 27.56 3.60
CA LYS D 127 9.56 27.08 2.30
C LYS D 127 10.69 27.14 1.29
N GLU D 128 10.43 26.60 0.11
CA GLU D 128 11.41 26.34 -0.96
C GLU D 128 12.06 27.66 -1.38
N ASP D 129 11.37 28.80 -1.28
CA ASP D 129 11.88 30.13 -1.73
C ASP D 129 12.96 30.62 -0.74
N LEU D 130 13.08 29.97 0.43
CA LEU D 130 14.09 30.30 1.47
C LEU D 130 13.86 31.73 1.99
N ARG D 131 12.60 32.16 1.95
CA ARG D 131 12.21 33.52 2.35
C ARG D 131 11.08 33.49 3.36
N SER D 132 10.22 32.47 3.38
CA SER D 132 8.97 32.43 4.21
C SER D 132 8.83 31.09 4.93
N TRP D 133 7.88 31.01 5.86
CA TRP D 133 7.72 29.87 6.81
C TRP D 133 6.33 29.24 6.71
N THR D 134 6.26 27.92 6.82
CA THR D 134 5.02 27.18 7.17
C THR D 134 5.05 26.84 8.66
N ALA D 135 4.14 27.41 9.41
CA ALA D 135 3.79 26.97 10.77
C ALA D 135 2.80 25.81 10.67
N ALA D 136 3.02 24.74 11.39
CA ALA D 136 2.16 23.53 11.38
C ALA D 136 0.86 23.76 12.19
N ASP D 137 0.92 24.61 13.21
CA ASP D 137 -0.22 24.80 14.13
C ASP D 137 -0.16 26.20 14.75
N MET D 138 -1.06 26.46 15.68
CA MET D 138 -1.24 27.79 16.31
C MET D 138 0.02 28.15 17.13
N ALA D 139 0.55 27.25 17.96
CA ALA D 139 1.83 27.48 18.68
C ALA D 139 2.98 27.91 17.73
N ALA D 140 3.16 27.23 16.61
CA ALA D 140 4.24 27.53 15.63
C ALA D 140 4.03 28.90 15.00
N GLN D 141 2.82 29.41 14.97
CA GLN D 141 2.59 30.80 14.51
C GLN D 141 3.37 31.80 15.39
N THR D 142 3.52 31.55 16.70
CA THR D 142 4.35 32.41 17.57
C THR D 142 5.79 32.41 17.03
N THR D 143 6.35 31.24 16.81
CA THR D 143 7.74 31.10 16.32
C THR D 143 7.85 31.77 14.95
N LYS D 144 6.85 31.59 14.10
CA LYS D 144 6.89 32.20 12.77
C LYS D 144 6.96 33.74 12.93
N HIS D 145 6.11 34.34 13.74
CA HIS D 145 6.13 35.81 13.94
C HIS D 145 7.54 36.21 14.45
N LYS D 146 8.08 35.47 15.41
CA LYS D 146 9.39 35.77 16.04
C LYS D 146 10.51 35.73 15.00
N TRP D 147 10.52 34.70 14.16
CA TRP D 147 11.62 34.45 13.21
C TRP D 147 11.53 35.38 12.00
N GLU D 148 10.33 35.82 11.64
CA GLU D 148 10.14 36.87 10.62
C GLU D 148 10.66 38.21 11.16
N ALA D 149 10.28 38.60 12.38
CA ALA D 149 10.71 39.87 13.02
C ALA D 149 12.25 39.89 13.15
N ALA D 150 12.87 38.74 13.38
CA ALA D 150 14.32 38.60 13.53
C ALA D 150 15.04 38.37 12.19
N HIS D 151 14.35 38.25 11.06
CA HIS D 151 15.02 38.06 9.73
C HIS D 151 15.88 36.79 9.69
N VAL D 152 15.39 35.73 10.31
CA VAL D 152 16.05 34.40 10.38
C VAL D 152 16.22 33.83 8.96
N ALA D 153 15.20 33.87 8.10
CA ALA D 153 15.25 33.29 6.74
C ALA D 153 16.44 33.87 5.96
N GLU D 154 16.76 35.14 6.14
CA GLU D 154 17.86 35.84 5.40
C GLU D 154 19.18 35.13 5.77
N GLN D 155 19.39 34.88 7.06
CA GLN D 155 20.63 34.25 7.56
C GLN D 155 20.71 32.80 7.06
N LEU D 156 19.63 32.05 7.19
CA LEU D 156 19.59 30.65 6.73
C LEU D 156 19.83 30.67 5.22
N ARG D 157 19.18 31.52 4.46
CA ARG D 157 19.33 31.48 3.00
C ARG D 157 20.82 31.65 2.65
N ALA D 158 21.51 32.58 3.29
CA ALA D 158 22.96 32.79 3.04
C ALA D 158 23.74 31.51 3.35
N TYR D 159 23.37 30.77 4.39
CA TYR D 159 24.02 29.51 4.79
C TYR D 159 23.68 28.45 3.73
N LEU D 160 22.40 28.30 3.34
CA LEU D 160 21.99 27.16 2.49
C LEU D 160 22.50 27.36 1.07
N GLU D 161 22.50 28.57 0.57
CA GLU D 161 22.97 28.86 -0.81
C GLU D 161 24.50 29.04 -0.86
N GLY D 162 25.16 29.37 0.26
CA GLY D 162 26.60 29.71 0.25
C GLY D 162 27.42 28.65 0.95
N THR D 163 27.53 28.76 2.28
CA THR D 163 28.33 27.87 3.14
C THR D 163 28.03 26.40 2.81
N CYS D 164 26.77 26.03 2.76
CA CYS D 164 26.35 24.60 2.62
C CYS D 164 26.93 24.06 1.31
N VAL D 165 26.82 24.81 0.21
N VAL D 165 26.80 24.86 0.23
CA VAL D 165 27.26 24.26 -1.11
CA VAL D 165 27.23 24.45 -1.14
C VAL D 165 28.79 24.39 -1.26
C VAL D 165 28.77 24.36 -1.16
N GLU D 166 29.43 25.44 -0.70
CA GLU D 166 30.91 25.55 -0.70
C GLU D 166 31.52 24.41 0.08
N TRP D 167 30.95 23.99 1.22
CA TRP D 167 31.58 22.89 1.98
C TRP D 167 31.27 21.56 1.32
N LEU D 168 30.05 21.39 0.81
CA LEU D 168 29.64 20.15 0.08
C LEU D 168 30.62 19.93 -1.08
N ARG D 169 30.92 20.98 -1.84
CA ARG D 169 31.91 20.88 -2.93
C ARG D 169 33.28 20.41 -2.40
N ARG D 170 33.75 21.00 -1.32
CA ARG D 170 35.04 20.60 -0.71
C ARG D 170 34.96 19.11 -0.29
N TYR D 171 33.92 18.73 0.41
CA TYR D 171 33.78 17.31 0.84
C TYR D 171 33.75 16.36 -0.37
N LEU D 172 33.03 16.69 -1.45
CA LEU D 172 32.90 15.78 -2.63
C LEU D 172 34.27 15.52 -3.27
N GLU D 173 35.12 16.53 -3.31
CA GLU D 173 36.48 16.46 -3.87
C GLU D 173 37.40 15.68 -2.91
N ASN D 174 37.41 16.07 -1.64
CA ASN D 174 38.27 15.42 -0.62
C ASN D 174 37.84 13.97 -0.44
N GLY D 175 36.53 13.66 -0.54
CA GLY D 175 36.06 12.29 -0.33
C GLY D 175 35.79 11.54 -1.61
N LYS D 176 36.41 11.92 -2.72
CA LYS D 176 36.01 11.41 -4.06
C LYS D 176 35.78 9.89 -4.08
N GLU D 177 36.70 9.08 -3.58
CA GLU D 177 36.66 7.60 -3.73
C GLU D 177 35.45 7.03 -3.00
N THR D 178 34.99 7.64 -1.94
CA THR D 178 33.76 7.22 -1.25
C THR D 178 32.54 7.87 -1.88
N LEU D 179 32.58 9.19 -2.00
CA LEU D 179 31.34 9.97 -2.25
C LEU D 179 31.00 9.99 -3.72
N GLN D 180 31.96 9.96 -4.64
CA GLN D 180 31.60 10.08 -6.08
C GLN D 180 31.46 8.70 -6.73
N ARG D 181 31.42 7.60 -5.99
CA ARG D 181 31.31 6.23 -6.56
C ARG D 181 29.83 5.91 -6.82
N THR D 182 29.56 5.01 -7.73
CA THR D 182 28.24 4.32 -7.81
C THR D 182 28.57 2.83 -7.78
N ASP D 183 28.13 2.08 -6.79
CA ASP D 183 28.28 0.61 -6.80
C ASP D 183 26.95 0.05 -7.37
N ALA D 184 26.98 -0.49 -8.57
CA ALA D 184 25.81 -1.12 -9.22
C ALA D 184 25.36 -2.27 -8.36
N PRO D 185 24.05 -2.52 -8.23
CA PRO D 185 23.58 -3.69 -7.50
C PRO D 185 24.05 -5.03 -8.13
N LYS D 186 24.50 -5.97 -7.28
CA LYS D 186 24.60 -7.39 -7.66
C LYS D 186 23.21 -7.98 -7.51
N THR D 187 22.61 -8.45 -8.61
CA THR D 187 21.20 -8.89 -8.65
C THR D 187 21.14 -10.40 -8.84
N HIS D 188 20.15 -11.03 -8.22
CA HIS D 188 19.79 -12.42 -8.56
C HIS D 188 18.33 -12.66 -8.16
N MET D 189 17.73 -13.74 -8.68
CA MET D 189 16.36 -14.16 -8.30
C MET D 189 16.44 -15.47 -7.53
N THR D 190 15.65 -15.63 -6.49
CA THR D 190 15.42 -16.94 -5.84
C THR D 190 13.99 -17.40 -6.12
N HIS D 191 13.76 -18.70 -5.98
CA HIS D 191 12.44 -19.35 -6.07
C HIS D 191 12.21 -20.19 -4.81
N HIS D 192 11.11 -19.99 -4.07
CA HIS D 192 10.68 -20.87 -2.94
C HIS D 192 9.28 -21.41 -3.18
N ALA D 193 9.12 -22.71 -3.14
CA ALA D 193 7.82 -23.38 -3.30
C ALA D 193 7.06 -23.29 -1.99
N VAL D 194 6.08 -22.39 -1.90
CA VAL D 194 5.20 -22.22 -0.71
C VAL D 194 4.28 -23.46 -0.54
N SER D 195 3.71 -23.99 -1.63
CA SER D 195 2.88 -25.22 -1.71
C SER D 195 3.15 -25.92 -3.05
N ASP D 196 2.36 -26.92 -3.42
CA ASP D 196 2.29 -27.40 -4.83
C ASP D 196 1.62 -26.38 -5.77
N HIS D 197 0.96 -25.32 -5.28
CA HIS D 197 0.09 -24.41 -6.10
C HIS D 197 0.71 -23.01 -6.32
N GLU D 198 1.67 -22.60 -5.51
CA GLU D 198 2.28 -21.24 -5.60
C GLU D 198 3.77 -21.34 -5.31
N ALA D 199 4.52 -20.39 -5.85
CA ALA D 199 5.94 -20.18 -5.53
C ALA D 199 6.17 -18.69 -5.30
N THR D 200 7.18 -18.37 -4.48
CA THR D 200 7.63 -16.98 -4.24
C THR D 200 8.88 -16.75 -5.08
N LEU D 201 8.81 -15.79 -5.98
CA LEU D 201 10.00 -15.25 -6.68
C LEU D 201 10.49 -14.05 -5.90
N ARG D 202 11.76 -14.04 -5.57
CA ARG D 202 12.37 -12.95 -4.78
C ARG D 202 13.53 -12.40 -5.58
N CYS D 203 13.39 -11.15 -5.96
CA CYS D 203 14.39 -10.37 -6.75
C CYS D 203 15.29 -9.61 -5.78
N TRP D 204 16.60 -9.86 -5.80
CA TRP D 204 17.58 -9.30 -4.84
C TRP D 204 18.47 -8.25 -5.49
N ALA D 205 18.74 -7.17 -4.74
CA ALA D 205 19.77 -6.18 -5.10
C ALA D 205 20.70 -5.99 -3.90
N LEU D 206 21.99 -6.27 -4.08
CA LEU D 206 22.99 -6.28 -2.98
C LEU D 206 24.16 -5.34 -3.32
N SER D 207 24.84 -4.84 -2.27
CA SER D 207 26.12 -4.12 -2.35
C SER D 207 25.99 -2.90 -3.25
N PHE D 208 24.90 -2.15 -3.17
CA PHE D 208 24.78 -0.97 -4.07
C PHE D 208 24.94 0.32 -3.27
N TYR D 209 25.40 1.35 -3.97
CA TYR D 209 25.52 2.72 -3.44
C TYR D 209 25.39 3.65 -4.64
N PRO D 210 24.62 4.74 -4.58
CA PRO D 210 23.84 5.13 -3.40
C PRO D 210 22.61 4.28 -3.09
N ALA D 211 21.84 4.66 -2.04
CA ALA D 211 20.72 3.85 -1.53
C ALA D 211 19.51 3.86 -2.51
N GLU D 212 19.32 4.95 -3.25
CA GLU D 212 18.22 5.13 -4.23
C GLU D 212 18.23 3.96 -5.24
N ILE D 213 17.11 3.23 -5.34
CA ILE D 213 16.95 2.06 -6.27
C ILE D 213 15.46 1.84 -6.49
N THR D 214 15.07 1.31 -7.65
CA THR D 214 13.68 0.90 -7.95
C THR D 214 13.73 -0.57 -8.37
N LEU D 215 12.97 -1.41 -7.68
CA LEU D 215 12.69 -2.82 -8.04
C LEU D 215 11.19 -2.90 -8.38
N THR D 216 10.83 -3.39 -9.55
CA THR D 216 9.39 -3.47 -9.93
C THR D 216 9.16 -4.83 -10.54
N TRP D 217 8.00 -5.40 -10.31
CA TRP D 217 7.61 -6.65 -11.00
C TRP D 217 6.73 -6.35 -12.20
N GLN D 218 6.91 -7.12 -13.25
CA GLN D 218 5.96 -7.10 -14.38
C GLN D 218 5.42 -8.51 -14.57
N ARG D 219 4.18 -8.63 -15.03
CA ARG D 219 3.68 -9.90 -15.61
C ARG D 219 3.32 -9.65 -17.07
N ASP D 220 3.98 -10.40 -17.98
CA ASP D 220 3.88 -10.25 -19.45
C ASP D 220 4.08 -8.78 -19.82
N GLY D 221 5.08 -8.11 -19.25
CA GLY D 221 5.46 -6.74 -19.62
C GLY D 221 4.52 -5.69 -19.07
N GLU D 222 3.59 -6.02 -18.16
CA GLU D 222 2.72 -5.02 -17.48
C GLU D 222 3.08 -4.94 -16.01
N ASP D 223 3.12 -3.73 -15.45
CA ASP D 223 3.44 -3.50 -14.01
C ASP D 223 2.48 -4.31 -13.16
N GLN D 224 2.99 -4.90 -12.10
CA GLN D 224 2.25 -5.83 -11.23
C GLN D 224 2.57 -5.39 -9.81
N THR D 225 1.56 -4.92 -9.07
CA THR D 225 1.66 -4.68 -7.61
C THR D 225 0.89 -5.73 -6.80
N GLN D 226 -0.13 -6.42 -7.32
CA GLN D 226 -0.88 -7.40 -6.48
C GLN D 226 0.01 -8.60 -6.15
N ASP D 227 -0.11 -9.14 -4.92
CA ASP D 227 0.62 -10.34 -4.45
C ASP D 227 2.14 -10.09 -4.48
N THR D 228 2.56 -8.83 -4.29
CA THR D 228 3.98 -8.45 -4.23
C THR D 228 4.30 -7.94 -2.83
N GLU D 229 5.57 -8.02 -2.48
CA GLU D 229 6.10 -7.43 -1.23
C GLU D 229 7.42 -6.75 -1.56
N LEU D 230 7.60 -5.53 -1.07
CA LEU D 230 8.84 -4.75 -1.25
C LEU D 230 9.39 -4.44 0.14
N VAL D 231 10.64 -4.80 0.47
CA VAL D 231 11.17 -4.39 1.80
C VAL D 231 11.80 -3.01 1.66
N GLU D 232 11.88 -2.33 2.79
CA GLU D 232 12.68 -1.11 2.96
C GLU D 232 14.16 -1.41 2.61
N THR D 233 14.77 -0.47 1.91
CA THR D 233 16.22 -0.43 1.66
C THR D 233 16.93 -0.44 3.01
N ARG D 234 17.97 -1.25 3.13
CA ARG D 234 18.62 -1.49 4.44
C ARG D 234 20.12 -1.40 4.23
N PRO D 235 20.84 -0.83 5.21
CA PRO D 235 22.29 -0.79 5.16
C PRO D 235 22.93 -2.14 5.44
N ALA D 236 23.95 -2.48 4.66
CA ALA D 236 24.79 -3.69 4.86
C ALA D 236 25.71 -3.54 6.07
N GLY D 237 26.12 -2.30 6.40
CA GLY D 237 27.06 -2.03 7.50
C GLY D 237 28.45 -1.72 6.97
N ASP D 238 28.68 -1.84 5.66
CA ASP D 238 30.01 -1.62 5.00
C ASP D 238 29.93 -0.38 4.06
N GLY D 239 28.92 0.48 4.13
CA GLY D 239 28.81 1.58 3.16
C GLY D 239 27.85 1.29 2.01
N THR D 240 27.32 0.06 1.89
CA THR D 240 26.43 -0.33 0.77
C THR D 240 25.06 -0.69 1.34
N PHE D 241 24.11 -0.91 0.42
CA PHE D 241 22.68 -1.10 0.72
C PHE D 241 22.22 -2.41 0.08
N GLN D 242 21.06 -2.86 0.59
CA GLN D 242 20.37 -4.11 0.20
C GLN D 242 18.90 -3.77 0.00
N LYS D 243 18.25 -4.51 -0.91
CA LYS D 243 16.78 -4.49 -1.00
C LYS D 243 16.32 -5.73 -1.73
N TRP D 244 15.09 -6.15 -1.46
CA TRP D 244 14.46 -7.23 -2.26
C TRP D 244 12.97 -6.94 -2.49
N ALA D 245 12.47 -7.51 -3.58
CA ALA D 245 11.07 -7.44 -4.03
C ALA D 245 10.64 -8.88 -4.37
N ALA D 246 9.52 -9.31 -3.82
CA ALA D 246 8.97 -10.65 -4.05
C ALA D 246 7.57 -10.58 -4.67
N VAL D 247 7.21 -11.65 -5.38
CA VAL D 247 5.83 -11.85 -5.89
C VAL D 247 5.50 -13.32 -5.71
N VAL D 248 4.26 -13.59 -5.35
CA VAL D 248 3.74 -14.97 -5.22
C VAL D 248 3.02 -15.27 -6.53
N VAL D 249 3.40 -16.36 -7.18
CA VAL D 249 2.92 -16.69 -8.53
C VAL D 249 2.32 -18.09 -8.48
N PRO D 250 1.36 -18.37 -9.39
CA PRO D 250 0.84 -19.72 -9.55
C PRO D 250 1.96 -20.63 -10.11
N SER D 251 2.05 -21.84 -9.58
CA SER D 251 2.87 -22.96 -10.11
C SER D 251 2.67 -23.02 -11.62
N GLY D 252 3.75 -22.92 -12.38
CA GLY D 252 3.67 -23.02 -13.85
C GLY D 252 3.53 -21.68 -14.54
N GLN D 253 3.48 -20.56 -13.83
CA GLN D 253 3.33 -19.25 -14.50
C GLN D 253 4.57 -18.38 -14.20
N GLU D 254 5.68 -18.99 -13.70
CA GLU D 254 6.92 -18.28 -13.25
C GLU D 254 7.44 -17.42 -14.41
N GLN D 255 7.39 -17.97 -15.63
CA GLN D 255 8.06 -17.40 -16.84
C GLN D 255 7.36 -16.11 -17.23
N ARG D 256 6.13 -15.86 -16.79
CA ARG D 256 5.39 -14.63 -17.16
C ARG D 256 6.01 -13.39 -16.49
N TYR D 257 6.80 -13.58 -15.42
CA TYR D 257 7.14 -12.53 -14.45
C TYR D 257 8.59 -12.06 -14.68
N THR D 258 8.78 -10.74 -14.66
CA THR D 258 10.11 -10.11 -14.75
C THR D 258 10.28 -9.13 -13.60
N CYS D 259 11.47 -9.10 -13.08
CA CYS D 259 11.89 -8.07 -12.08
C CYS D 259 12.73 -7.00 -12.78
N HIS D 260 12.45 -5.71 -12.57
CA HIS D 260 13.15 -4.61 -13.28
C HIS D 260 13.91 -3.77 -12.26
N VAL D 261 15.23 -3.63 -12.45
CA VAL D 261 16.13 -2.94 -11.48
C VAL D 261 16.66 -1.65 -12.13
N GLN D 262 16.37 -0.50 -11.54
CA GLN D 262 16.98 0.80 -11.97
C GLN D 262 17.83 1.32 -10.83
N HIS D 263 19.03 1.83 -11.16
CA HIS D 263 20.04 2.36 -10.21
C HIS D 263 21.05 3.19 -10.99
N GLU D 264 21.52 4.27 -10.38
CA GLU D 264 22.47 5.25 -10.98
C GLU D 264 23.71 4.51 -11.49
N GLY D 265 24.12 3.39 -10.89
CA GLY D 265 25.35 2.64 -11.23
C GLY D 265 25.17 1.74 -12.46
N LEU D 266 23.95 1.50 -12.92
CA LEU D 266 23.67 0.64 -14.09
C LEU D 266 23.65 1.52 -15.33
N PRO D 267 24.47 1.17 -16.36
CA PRO D 267 24.37 1.83 -17.66
C PRO D 267 22.93 1.84 -18.21
N LYS D 268 22.21 0.75 -17.96
CA LYS D 268 20.82 0.53 -18.48
C LYS D 268 20.08 -0.29 -17.45
N PRO D 269 18.75 -0.09 -17.31
CA PRO D 269 17.94 -0.87 -16.38
C PRO D 269 18.05 -2.37 -16.67
N LEU D 270 18.11 -3.19 -15.63
CA LEU D 270 18.20 -4.67 -15.72
C LEU D 270 16.80 -5.27 -15.68
N THR D 271 16.60 -6.37 -16.39
CA THR D 271 15.38 -7.22 -16.36
C THR D 271 15.83 -8.60 -15.90
N LEU D 272 15.28 -9.14 -14.81
CA LEU D 272 15.56 -10.55 -14.42
C LEU D 272 14.30 -11.40 -14.64
N ARG D 273 14.52 -12.66 -15.01
CA ARG D 273 13.44 -13.67 -15.23
C ARG D 273 13.89 -14.97 -14.56
N TRP D 274 13.00 -15.70 -13.87
CA TRP D 274 13.38 -16.95 -13.16
C TRP D 274 13.91 -17.94 -14.21
N GLU D 275 15.13 -18.43 -14.02
CA GLU D 275 15.71 -19.48 -14.89
C GLU D 275 15.90 -20.73 -14.04
N PRO D 276 15.09 -21.79 -14.30
CA PRO D 276 15.25 -23.05 -13.56
C PRO D 276 16.74 -23.44 -13.56
N MET E 1 1.95 14.56 20.63
CA MET E 1 2.75 13.34 20.83
C MET E 1 2.39 12.27 19.77
N ILE E 2 3.22 12.07 18.77
CA ILE E 2 2.98 11.00 17.76
C ILE E 2 3.92 9.83 18.11
N GLN E 3 3.39 8.61 18.24
CA GLN E 3 4.24 7.40 18.41
C GLN E 3 4.14 6.48 17.19
N ARG E 4 5.20 5.77 16.88
CA ARG E 4 5.24 4.86 15.72
C ARG E 4 6.04 3.64 16.12
N THR E 5 5.57 2.46 15.76
CA THR E 5 6.17 1.19 16.20
C THR E 5 7.28 0.86 15.21
N PRO E 6 8.41 0.28 15.69
CA PRO E 6 9.52 -0.04 14.81
C PRO E 6 9.23 -1.18 13.84
N LYS E 7 9.75 -1.01 12.63
CA LYS E 7 9.93 -2.05 11.61
C LYS E 7 11.28 -2.72 11.89
N ILE E 8 11.38 -4.03 11.69
CA ILE E 8 12.57 -4.82 12.11
C ILE E 8 13.00 -5.72 10.95
N GLN E 9 14.23 -5.59 10.52
CA GLN E 9 14.79 -6.55 9.54
C GLN E 9 16.03 -7.19 10.17
N VAL E 10 16.17 -8.49 10.01
CA VAL E 10 17.33 -9.24 10.56
C VAL E 10 17.96 -9.94 9.37
N TYR E 11 19.24 -9.72 9.15
CA TYR E 11 19.92 -10.17 7.93
C TYR E 11 21.44 -10.13 8.12
N SER E 12 22.16 -10.77 7.20
CA SER E 12 23.62 -10.79 7.18
C SER E 12 24.18 -9.72 6.23
N ARG E 13 25.38 -9.24 6.50
CA ARG E 13 26.07 -8.27 5.62
C ARG E 13 26.35 -8.95 4.29
N HIS E 14 26.91 -10.17 4.31
CA HIS E 14 27.26 -10.96 3.11
C HIS E 14 26.33 -12.16 3.07
N PRO E 15 26.11 -12.77 1.89
CA PRO E 15 25.43 -14.06 1.81
C PRO E 15 26.04 -15.06 2.81
N ALA E 16 25.19 -15.71 3.60
CA ALA E 16 25.59 -16.65 4.67
C ALA E 16 26.21 -17.88 4.05
N GLU E 17 27.42 -18.25 4.44
CA GLU E 17 28.02 -19.58 4.15
C GLU E 17 28.35 -20.23 5.49
N ASN E 18 27.89 -21.43 5.75
CA ASN E 18 28.16 -22.10 7.03
C ASN E 18 29.69 -22.15 7.22
N GLY E 19 30.17 -21.65 8.35
CA GLY E 19 31.59 -21.74 8.74
C GLY E 19 32.39 -20.55 8.25
N LYS E 20 31.78 -19.61 7.51
CA LYS E 20 32.43 -18.34 7.09
C LYS E 20 32.00 -17.15 7.96
N SER E 21 33.00 -16.46 8.47
CA SER E 21 32.93 -15.16 9.16
C SER E 21 32.00 -14.19 8.41
N ASN E 22 31.12 -13.46 9.13
CA ASN E 22 30.10 -12.58 8.53
C ASN E 22 29.70 -11.51 9.59
N PHE E 23 28.75 -10.63 9.26
CA PHE E 23 28.11 -9.72 10.22
C PHE E 23 26.60 -9.96 10.23
N LEU E 24 26.03 -10.10 11.41
CA LEU E 24 24.58 -10.18 11.67
C LEU E 24 24.07 -8.77 11.97
N ASN E 25 23.10 -8.30 11.21
CA ASN E 25 22.50 -6.96 11.28
C ASN E 25 21.06 -7.07 11.78
N CYS E 26 20.66 -6.17 12.68
CA CYS E 26 19.25 -5.87 13.02
C CYS E 26 18.99 -4.37 12.80
N TYR E 27 18.22 -4.08 11.77
CA TYR E 27 17.89 -2.72 11.30
C TYR E 27 16.48 -2.42 11.78
N VAL E 28 16.41 -1.47 12.70
CA VAL E 28 15.12 -0.95 13.26
CA VAL E 28 15.12 -0.96 13.24
C VAL E 28 14.88 0.44 12.69
N SER E 29 13.67 0.68 12.18
CA SER E 29 13.34 1.94 11.48
C SER E 29 11.87 2.23 11.70
N GLY E 30 11.49 3.45 11.33
CA GLY E 30 10.11 3.94 11.34
C GLY E 30 9.56 4.13 12.75
N PHE E 31 10.40 4.27 13.79
CA PHE E 31 9.87 4.33 15.17
C PHE E 31 9.97 5.76 15.70
N HIS E 32 9.13 6.03 16.71
CA HIS E 32 9.13 7.34 17.41
C HIS E 32 8.40 7.08 18.72
N PRO E 33 8.90 7.48 19.89
CA PRO E 33 10.16 8.22 20.07
C PRO E 33 11.41 7.34 19.93
N SER E 34 12.56 7.95 20.19
CA SER E 34 13.90 7.42 19.84
C SER E 34 14.33 6.33 20.84
N ASP E 35 13.89 6.37 22.08
N ASP E 35 13.85 6.38 22.07
CA ASP E 35 14.33 5.37 23.11
CA ASP E 35 14.15 5.35 23.11
C ASP E 35 13.83 3.97 22.68
C ASP E 35 13.80 3.95 22.57
N ILE E 36 14.75 3.02 22.53
CA ILE E 36 14.49 1.65 22.02
C ILE E 36 15.56 0.72 22.62
N GLU E 37 15.21 -0.53 22.89
CA GLU E 37 16.11 -1.61 23.36
C GLU E 37 16.18 -2.68 22.30
N VAL E 38 17.39 -2.98 21.86
CA VAL E 38 17.67 -3.95 20.76
C VAL E 38 18.76 -4.87 21.25
N ASP E 39 18.51 -6.18 21.27
CA ASP E 39 19.49 -7.25 21.53
C ASP E 39 19.55 -8.19 20.33
N LEU E 40 20.73 -8.67 19.99
CA LEU E 40 20.92 -9.81 19.08
C LEU E 40 21.07 -11.06 19.94
N LEU E 41 20.41 -12.13 19.52
CA LEU E 41 20.39 -13.40 20.28
C LEU E 41 21.06 -14.48 19.44
N LYS E 42 21.76 -15.37 20.13
CA LYS E 42 22.21 -16.67 19.57
C LYS E 42 21.59 -17.77 20.40
N ASN E 43 20.74 -18.58 19.76
CA ASN E 43 20.01 -19.70 20.43
C ASN E 43 19.31 -19.12 21.67
N GLY E 44 18.69 -17.95 21.54
CA GLY E 44 17.88 -17.31 22.60
C GLY E 44 18.69 -16.52 23.63
N GLU E 45 20.03 -16.53 23.57
CA GLU E 45 20.92 -15.90 24.59
C GLU E 45 21.41 -14.57 24.02
N ARG E 46 21.35 -13.53 24.83
CA ARG E 46 21.79 -12.17 24.45
C ARG E 46 23.28 -12.23 24.06
N ILE E 47 23.64 -11.71 22.89
CA ILE E 47 25.04 -11.52 22.41
C ILE E 47 25.63 -10.24 23.05
N GLU E 48 26.77 -10.39 23.71
CA GLU E 48 27.45 -9.34 24.51
C GLU E 48 27.93 -8.17 23.66
N LYS E 49 28.68 -8.42 22.61
CA LYS E 49 29.48 -7.33 22.01
C LYS E 49 28.73 -6.89 20.76
N VAL E 50 27.69 -6.08 20.93
CA VAL E 50 26.86 -5.63 19.79
C VAL E 50 27.11 -4.14 19.69
N GLU E 51 27.27 -3.61 18.50
CA GLU E 51 27.49 -2.16 18.29
C GLU E 51 26.27 -1.64 17.54
N HIS E 52 26.15 -0.33 17.44
CA HIS E 52 25.02 0.31 16.75
C HIS E 52 25.51 1.62 16.12
N SER E 53 24.76 2.05 15.13
CA SER E 53 24.94 3.33 14.40
C SER E 53 24.53 4.52 15.29
N ASP E 54 24.87 5.71 14.85
CA ASP E 54 24.46 7.01 15.44
C ASP E 54 23.01 7.29 15.05
N LEU E 55 22.19 7.77 15.99
CA LEU E 55 20.74 7.98 15.77
C LEU E 55 20.57 8.96 14.61
N SER E 56 19.76 8.62 13.63
CA SER E 56 19.33 9.54 12.56
C SER E 56 17.86 9.32 12.27
N PHE E 57 17.31 10.08 11.32
CA PHE E 57 15.85 10.02 11.13
C PHE E 57 15.54 10.34 9.69
N SER E 58 14.38 9.84 9.26
CA SER E 58 13.89 9.84 7.86
C SER E 58 13.03 11.09 7.62
N LYS E 59 12.50 11.23 6.43
CA LYS E 59 11.73 12.42 5.99
C LYS E 59 10.46 12.60 6.86
N ASP E 60 9.82 11.52 7.30
CA ASP E 60 8.63 11.58 8.22
C ASP E 60 9.03 11.78 9.71
N TRP E 61 10.30 12.04 10.04
CA TRP E 61 10.84 12.29 11.42
C TRP E 61 11.03 11.01 12.26
N SER E 62 10.67 9.84 11.72
CA SER E 62 10.88 8.53 12.36
C SER E 62 12.38 8.18 12.34
N PHE E 63 12.79 7.48 13.38
CA PHE E 63 14.21 7.15 13.65
C PHE E 63 14.59 5.84 13.00
N TYR E 64 15.89 5.68 12.80
CA TYR E 64 16.50 4.41 12.34
C TYR E 64 17.87 4.18 12.98
N LEU E 65 18.15 2.93 13.29
CA LEU E 65 19.40 2.40 13.88
C LEU E 65 19.75 1.04 13.27
N LEU E 66 21.03 0.82 13.06
CA LEU E 66 21.58 -0.50 12.70
C LEU E 66 22.35 -1.03 13.92
N TYR E 67 21.95 -2.20 14.41
CA TYR E 67 22.67 -2.98 15.45
C TYR E 67 23.35 -4.14 14.74
N TYR E 68 24.60 -4.43 15.09
CA TYR E 68 25.40 -5.39 14.31
C TYR E 68 26.42 -6.05 15.22
N THR E 69 26.79 -7.26 14.83
CA THR E 69 27.86 -8.04 15.48
C THR E 69 28.50 -8.97 14.45
N GLU E 70 29.78 -9.25 14.65
CA GLU E 70 30.53 -10.28 13.90
C GLU E 70 29.97 -11.63 14.34
N PHE E 71 29.75 -12.57 13.42
CA PHE E 71 29.31 -13.97 13.69
C PHE E 71 29.76 -14.89 12.54
N THR E 72 29.68 -16.16 12.80
CA THR E 72 29.98 -17.28 11.89
C THR E 72 28.76 -18.19 11.91
N PRO E 73 27.84 -18.04 10.93
CA PRO E 73 26.67 -18.92 10.84
C PRO E 73 27.08 -20.40 10.71
N THR E 74 26.26 -21.30 11.27
CA THR E 74 26.31 -22.77 11.08
C THR E 74 24.91 -23.27 10.68
N GLU E 75 24.77 -24.54 10.28
CA GLU E 75 23.47 -25.14 9.93
C GLU E 75 22.53 -25.09 11.14
N LYS E 76 23.00 -25.28 12.37
CA LYS E 76 22.09 -25.53 13.53
C LYS E 76 21.84 -24.27 14.36
N ASP E 77 22.78 -23.35 14.43
CA ASP E 77 22.67 -22.15 15.31
C ASP E 77 21.55 -21.24 14.81
N GLU E 78 20.69 -20.80 15.72
CA GLU E 78 19.60 -19.85 15.38
C GLU E 78 19.94 -18.47 15.93
N TYR E 79 19.61 -17.43 15.15
CA TYR E 79 19.84 -16.03 15.53
C TYR E 79 18.52 -15.29 15.46
N ALA E 80 18.49 -14.19 16.17
CA ALA E 80 17.28 -13.37 16.29
C ALA E 80 17.63 -11.97 16.79
N CYS E 81 16.66 -11.07 16.60
CA CYS E 81 16.70 -9.67 17.07
C CYS E 81 15.54 -9.48 18.05
N ARG E 82 15.83 -8.98 19.24
CA ARG E 82 14.78 -8.74 20.26
C ARG E 82 14.65 -7.23 20.43
N VAL E 83 13.45 -6.70 20.19
CA VAL E 83 13.19 -5.25 20.23
C VAL E 83 12.11 -4.94 21.25
N ASN E 84 12.35 -3.95 22.11
CA ASN E 84 11.28 -3.35 22.97
C ASN E 84 11.26 -1.84 22.72
N HIS E 85 10.08 -1.29 22.78
CA HIS E 85 9.75 0.12 22.50
C HIS E 85 8.49 0.46 23.27
N VAL E 86 8.27 1.74 23.58
CA VAL E 86 7.05 2.14 24.33
C VAL E 86 5.80 1.67 23.58
N THR E 87 5.83 1.50 22.25
CA THR E 87 4.63 1.09 21.45
C THR E 87 4.40 -0.43 21.51
N LEU E 88 5.30 -1.24 22.07
CA LEU E 88 5.11 -2.72 22.17
C LEU E 88 4.74 -3.11 23.61
N SER E 89 3.70 -3.88 23.83
CA SER E 89 3.33 -4.33 25.20
C SER E 89 4.30 -5.41 25.69
N GLN E 90 5.00 -6.08 24.80
CA GLN E 90 6.06 -7.03 25.19
C GLN E 90 7.09 -7.02 24.08
N PRO E 91 8.34 -7.47 24.34
CA PRO E 91 9.40 -7.39 23.33
C PRO E 91 9.05 -8.23 22.08
N LYS E 92 9.39 -7.72 20.90
CA LYS E 92 9.19 -8.47 19.64
C LYS E 92 10.50 -9.19 19.31
N ILE E 93 10.42 -10.47 18.99
CA ILE E 93 11.60 -11.30 18.61
C ILE E 93 11.45 -11.68 17.15
N VAL E 94 12.34 -11.22 16.29
CA VAL E 94 12.30 -11.55 14.84
C VAL E 94 13.47 -12.51 14.56
N LYS E 95 13.19 -13.72 14.09
CA LYS E 95 14.23 -14.73 13.80
C LYS E 95 14.97 -14.35 12.50
N TRP E 96 16.28 -14.56 12.47
CA TRP E 96 17.06 -14.48 11.23
C TRP E 96 16.65 -15.62 10.28
N ASP E 97 16.21 -15.23 9.09
CA ASP E 97 15.97 -16.13 7.95
C ASP E 97 17.02 -15.80 6.86
N ARG E 98 17.93 -16.74 6.63
CA ARG E 98 19.04 -16.74 5.65
C ARG E 98 18.64 -16.09 4.32
N ASP E 99 17.38 -16.29 3.89
CA ASP E 99 16.82 -15.98 2.54
C ASP E 99 15.89 -14.74 2.61
N MET E 100 16.12 -13.85 3.58
CA MET E 100 15.28 -12.66 3.84
C MET E 100 16.13 -11.45 4.27
N ILE F 1 30.09 21.87 6.82
CA ILE F 1 30.03 22.36 8.25
C ILE F 1 28.59 22.75 8.58
N ILE F 2 28.23 22.72 9.86
CA ILE F 2 26.91 23.20 10.34
C ILE F 2 26.86 24.73 10.38
N GLY F 3 25.69 25.32 10.66
CA GLY F 3 25.49 26.78 10.59
C GLY F 3 25.45 27.47 11.97
N TRP F 4 24.92 28.70 12.02
CA TRP F 4 25.02 29.67 13.14
C TRP F 4 23.64 30.18 13.55
N MET F 5 22.56 29.48 13.18
CA MET F 5 21.17 29.89 13.47
C MET F 5 20.77 29.22 14.80
N TRP F 6 20.86 30.01 15.86
CA TRP F 6 20.69 29.53 17.25
C TRP F 6 19.54 30.29 17.91
N ILE F 7 18.62 30.90 17.14
CA ILE F 7 17.49 31.69 17.70
C ILE F 7 16.54 30.65 18.28
N PRO F 8 16.14 30.70 19.55
CA PRO F 8 15.15 29.75 20.05
C PRO F 8 13.79 29.90 19.29
N VAL F 9 13.00 28.84 19.29
CA VAL F 9 11.57 28.88 18.87
C VAL F 9 10.75 29.76 19.83
C1 EDO G . -16.64 15.41 -13.75
O1 EDO G . -17.90 15.81 -14.29
C2 EDO G . -15.78 16.56 -13.33
O2 EDO G . -16.12 17.03 -12.05
C1 EDO H . -30.91 -18.07 -30.08
O1 EDO H . -31.27 -16.85 -29.47
C2 EDO H . -31.32 -19.23 -29.26
O2 EDO H . -32.71 -19.50 -29.33
C1 GOL I . -13.54 10.07 12.23
O1 GOL I . -13.92 11.04 11.27
C2 GOL I . -14.72 9.26 12.72
O2 GOL I . -14.26 8.30 13.68
C3 GOL I . -15.85 10.09 13.30
O3 GOL I . -16.55 9.41 14.34
S SO4 J . -31.21 -5.03 -31.37
O1 SO4 J . -30.79 -5.50 -30.10
O2 SO4 J . -32.21 -5.93 -31.89
O3 SO4 J . -31.77 -3.72 -31.24
O4 SO4 J . -30.08 -5.00 -32.28
S SO4 K . -19.24 -4.89 -12.98
O1 SO4 K . -19.67 -3.74 -12.21
O2 SO4 K . -20.13 -5.98 -12.71
O3 SO4 K . -19.28 -4.58 -14.40
O4 SO4 K . -17.90 -5.26 -12.61
S SO4 L . -21.80 16.55 -14.79
O1 SO4 L . -22.63 17.34 -13.91
O2 SO4 L . -22.38 15.25 -14.97
O3 SO4 L . -21.68 17.21 -16.06
O4 SO4 L . -20.49 16.43 -14.20
NA NA M . -13.39 -21.96 7.86
C1 EDO N . -17.51 -1.67 10.82
O1 EDO N . -18.82 -1.06 10.64
C2 EDO N . -17.08 -2.71 9.81
O2 EDO N . -16.99 -2.35 8.41
C1 EDO O . -24.33 5.32 6.13
O1 EDO O . -24.64 6.47 5.40
C2 EDO O . -23.14 4.66 5.62
O2 EDO O . -23.05 3.33 6.06
C1 EDO P . -14.59 -19.99 -26.52
O1 EDO P . -15.12 -21.01 -25.70
C2 EDO P . -15.50 -19.58 -27.63
O2 EDO P . -15.79 -20.64 -28.55
C8 P4G Q . -27.90 -13.39 -32.02
C7 P4G Q . -26.47 -13.63 -31.55
O4 P4G Q . -26.45 -14.62 -30.52
C6 P4G Q . -25.12 -14.98 -30.13
C5 P4G Q . -24.39 -15.87 -31.15
O3 P4G Q . -23.40 -16.74 -30.54
C4 P4G Q . -22.02 -16.30 -30.58
C3 P4G Q . -21.16 -17.04 -29.50
O2 P4G Q . -20.16 -16.25 -28.88
C2 P4G Q . -19.08 -16.09 -29.79
C1 P4G Q . -18.15 -17.28 -29.70
C1 EDO R . 36.26 7.59 12.22
O1 EDO R . 36.29 8.26 10.94
C2 EDO R . 36.12 6.11 12.11
O2 EDO R . 35.13 5.76 11.17
C1 EDO S . 3.10 37.02 18.51
O1 EDO S . 2.76 38.38 18.31
C2 EDO S . 2.33 36.12 17.63
O2 EDO S . 1.26 35.56 18.33
C1 GOL T . 22.32 26.73 11.18
O1 GOL T . 21.61 26.55 12.40
C2 GOL T . 21.43 27.06 9.98
O2 GOL T . 22.06 28.07 9.19
C3 GOL T . 21.13 25.86 9.09
O3 GOL T . 20.32 26.16 7.95
C1 GOL U . 7.45 -13.10 0.31
O1 GOL U . 7.95 -11.82 0.68
C2 GOL U . 5.99 -13.07 -0.05
O2 GOL U . 5.50 -14.41 -0.03
C3 GOL U . 5.71 -12.42 -1.39
O3 GOL U . 4.46 -11.73 -1.42
C1 GOL V . 4.32 31.17 25.72
O1 GOL V . 4.74 32.52 25.67
C2 GOL V . 4.97 30.34 26.81
O2 GOL V . 3.88 29.80 27.57
C3 GOL V . 5.84 29.17 26.34
O3 GOL V . 7.22 29.21 26.71
C1 GOL W . 12.10 -17.70 -2.43
O1 GOL W . 12.67 -16.67 -3.22
C2 GOL W . 12.44 -17.56 -0.95
O2 GOL W . 11.24 -17.50 -0.18
C3 GOL W . 13.37 -18.64 -0.41
O3 GOL W . 14.29 -19.11 -1.41
S SO4 X . 35.38 25.89 1.90
O1 SO4 X . 36.18 25.29 2.93
O2 SO4 X . 33.99 25.63 2.15
O3 SO4 X . 35.75 25.34 0.61
O4 SO4 X . 35.60 27.32 1.89
C8 P4G Y . 28.65 33.83 9.60
C7 P4G Y . 30.11 34.17 9.81
O4 P4G Y . 30.71 33.50 10.95
C6 P4G Y . 32.08 33.10 10.75
C5 P4G Y . 32.85 32.66 12.01
O3 P4G Y . 32.73 31.25 12.31
C4 P4G Y . 33.45 30.80 13.48
C3 P4G Y . 32.87 29.46 14.02
O2 P4G Y . 32.69 29.37 15.47
C2 P4G Y . 31.42 29.88 15.91
C1 P4G Y . 31.05 29.45 17.32
O1 PE8 Z . 22.45 30.81 -5.62
C2 PE8 Z . 23.68 30.95 -4.91
C3 PE8 Z . 24.54 29.72 -5.03
O4 PE8 Z . 25.60 29.72 -4.08
C5 PE8 Z . 26.64 30.66 -4.37
C6 PE8 Z . 27.99 30.00 -4.19
O7 PE8 Z . 28.35 29.95 -2.81
C8 PE8 Z . 28.84 31.17 -2.26
C9 PE8 Z . 29.78 30.86 -1.12
O10 PE8 Z . 29.53 31.67 0.03
C11 PE8 Z . 30.09 31.10 1.23
C12 PE8 Z . 29.68 31.89 2.45
O13 PE8 Z . 29.83 31.09 3.63
C14 PE8 Z . 31.20 30.76 3.91
C15 PE8 Z . 31.34 30.17 5.29
O16 PE8 Z . 32.66 29.64 5.43
C17 PE8 Z . 32.84 28.73 6.51
C18 PE8 Z . 33.12 29.47 7.82
O19 PE8 Z . 33.74 28.57 8.73
C20 PE8 Z . 33.71 28.96 10.10
C21 PE8 Z . 32.59 28.25 10.84
O22 PE8 Z . 32.84 26.85 10.96
C23 PE8 Z . 33.64 26.45 12.06
C24 PE8 Z . 34.17 25.08 11.78
O25 PE8 Z . 35.28 25.12 10.89
CA CA AA . 7.34 -1.78 25.61
C1 EDO BA . 22.56 -11.51 2.21
O1 EDO BA . 23.46 -10.96 1.27
C2 EDO BA . 21.41 -10.64 2.53
O2 EDO BA . 21.20 -10.59 3.94
C1 EDO CA . 13.47 -10.77 9.11
O1 EDO CA . 14.03 -9.70 8.36
C2 EDO CA . 13.83 -12.17 8.68
O2 EDO CA . 15.22 -12.44 8.44
C1 EDO DA . 23.29 3.04 8.54
O1 EDO DA . 24.49 2.52 9.02
C2 EDO DA . 22.33 3.21 9.65
O2 EDO DA . 22.40 4.49 10.22
C1 GOL EA . 20.26 8.61 5.11
O1 GOL EA . 20.92 7.97 4.03
C2 GOL EA . 19.78 9.99 4.72
O2 GOL EA . 20.86 10.91 4.84
C3 GOL EA . 18.56 10.48 5.49
O3 GOL EA . 18.35 9.83 6.75
#